data_5A7O
#
_entry.id   5A7O
#
_cell.length_a   100.910
_cell.length_b   149.130
_cell.length_c   57.090
_cell.angle_alpha   90.00
_cell.angle_beta   90.00
_cell.angle_gamma   90.00
#
_symmetry.space_group_name_H-M   'P 21 21 2'
#
loop_
_entity.id
_entity.type
_entity.pdbx_description
1 polymer 'LYSINE-SPECIFIC DEMETHYLASE 4A'
2 non-polymer 'SULFATE ION'
3 non-polymer '2-[5-(2-methoxyethanoylamino)-2-oxidanyl-phenyl]pyridine-4-carboxylic acid'
4 non-polymer 1,2-ETHANEDIOL
5 non-polymer 'ZINC ION'
6 non-polymer 'MANGANESE (II) ION'
7 non-polymer 'DIMETHYL SULFOXIDE'
8 water water
#
_entity_poly.entity_id   1
_entity_poly.type   'polypeptide(L)'
_entity_poly.pdbx_seq_one_letter_code
;MHHHHHHSSGVDLGTENLYFQSMASESETLNPSARIMTFYPTMEEFRNFSRYIAYIESQGAHRAGLAKVVPPKEWKPRAS
YDDIDDLVIPAPIQQLVTGQSGLFTQYNIQKKAMTVREFRKIANSDKYCTPRYSEFEELERKYWKNLTFNPPIYGADVNG
TLYEKHVDEWNIGRLRTILDLVEKESGITIEGVNTPYLYFGMWKTSFAWHTEDMDLYSINYLHFGEPKSWYSVPPEHGKR
LERLAKGFFPGSAQSCEAFLRHKMTLISPLMLKKYGIPFDKVTQEAGEFMITFPYGYHAGFNHGFNCAESTNFATRRWIE
YGKQAVLCSCRKDMVKISMDVFVRKFQPERYKLWKAGKDNTVIDHTLPTPEAAEFEKESEL
;
_entity_poly.pdbx_strand_id   A,B
#
# COMPACT_ATOMS: atom_id res chain seq x y z
N GLU A 26 1.93 24.16 3.83
CA GLU A 26 2.54 24.56 2.57
C GLU A 26 2.98 23.36 1.73
N SER A 27 3.89 22.56 2.29
CA SER A 27 4.47 21.39 1.60
C SER A 27 3.47 20.26 1.38
N GLU A 28 2.64 20.04 2.40
CA GLU A 28 1.57 19.05 2.38
C GLU A 28 0.67 19.19 1.14
N THR A 29 0.55 20.41 0.62
CA THR A 29 -0.35 20.70 -0.50
C THR A 29 0.36 20.68 -1.85
N LEU A 30 1.68 20.48 -1.84
CA LEU A 30 2.45 20.37 -3.07
C LEU A 30 2.57 18.91 -3.51
N ASN A 31 2.16 18.62 -4.74
CA ASN A 31 2.14 17.25 -5.28
C ASN A 31 1.47 16.28 -4.31
N PRO A 32 0.20 16.53 -3.95
CA PRO A 32 -0.48 15.76 -2.90
C PRO A 32 -0.76 14.31 -3.34
N SER A 33 -0.68 14.06 -4.65
CA SER A 33 -0.78 12.73 -5.22
C SER A 33 0.56 11.99 -5.20
N ALA A 34 1.65 12.72 -4.95
CA ALA A 34 3.00 12.14 -4.95
C ALA A 34 3.24 11.36 -6.24
N ARG A 35 2.81 11.92 -7.36
CA ARG A 35 3.04 11.33 -8.67
C ARG A 35 4.39 11.79 -9.20
N ILE A 36 5.01 10.97 -10.06
CA ILE A 36 6.28 11.34 -10.68
C ILE A 36 6.14 12.57 -11.58
N MET A 37 6.83 13.66 -11.22
CA MET A 37 6.78 14.89 -12.01
C MET A 37 7.89 14.96 -13.07
N THR A 38 7.65 15.69 -14.16
CA THR A 38 8.64 15.85 -15.22
C THR A 38 8.90 17.33 -15.41
N PHE A 39 10.17 17.69 -15.58
CA PHE A 39 10.54 19.09 -15.68
C PHE A 39 11.30 19.38 -16.95
N TYR A 40 11.10 20.58 -17.45
CA TYR A 40 11.72 21.01 -18.69
C TYR A 40 12.41 22.34 -18.45
N PRO A 41 13.58 22.33 -17.82
CA PRO A 41 14.25 23.59 -17.53
C PRO A 41 14.77 24.24 -18.79
N THR A 42 14.76 25.56 -18.80
CA THR A 42 15.54 26.32 -19.78
C THR A 42 17.01 26.15 -19.48
N MET A 43 17.86 26.58 -20.41
CA MET A 43 19.30 26.48 -20.24
C MET A 43 19.80 27.32 -19.07
N GLU A 44 19.08 28.40 -18.77
CA GLU A 44 19.45 29.27 -17.64
C GLU A 44 19.14 28.55 -16.33
N GLU A 45 17.99 27.89 -16.27
CA GLU A 45 17.63 27.12 -15.10
C GLU A 45 18.56 25.93 -14.93
N PHE A 46 19.00 25.37 -16.06
CA PHE A 46 19.75 24.12 -16.08
C PHE A 46 21.19 24.23 -15.59
N ARG A 47 21.75 25.43 -15.65
CA ARG A 47 23.18 25.61 -15.40
C ARG A 47 23.59 25.38 -13.93
N ASN A 48 22.66 25.62 -13.00
CA ASN A 48 22.97 25.42 -11.58
C ASN A 48 22.25 24.20 -11.03
N PHE A 49 23.01 23.13 -10.79
CA PHE A 49 22.43 21.84 -10.43
C PHE A 49 21.72 21.87 -9.10
N SER A 50 22.44 22.22 -8.05
CA SER A 50 21.87 22.22 -6.71
C SER A 50 20.64 23.11 -6.64
N ARG A 51 20.73 24.27 -7.28
CA ARG A 51 19.60 25.19 -7.30
C ARG A 51 18.38 24.54 -7.95
N TYR A 52 18.55 23.88 -9.11
CA TYR A 52 17.37 23.29 -9.74
C TYR A 52 16.79 22.13 -8.94
N ILE A 53 17.63 21.35 -8.27
CA ILE A 53 17.14 20.31 -7.38
C ILE A 53 16.30 20.93 -6.28
N ALA A 54 16.80 22.03 -5.73
CA ALA A 54 16.05 22.75 -4.72
C ALA A 54 14.72 23.23 -5.30
N TYR A 55 14.75 23.70 -6.56
CA TYR A 55 13.51 24.14 -7.22
C TYR A 55 12.47 23.01 -7.36
N ILE A 56 12.88 21.87 -7.90
CA ILE A 56 11.92 20.80 -8.11
C ILE A 56 11.35 20.32 -6.77
N GLU A 57 12.12 20.44 -5.69
CA GLU A 57 11.60 20.11 -4.36
C GLU A 57 10.58 21.15 -3.88
N SER A 58 10.78 22.42 -4.24
CA SER A 58 9.79 23.44 -3.91
C SER A 58 8.46 23.14 -4.63
N GLN A 59 8.54 22.40 -5.75
CA GLN A 59 7.36 21.96 -6.47
C GLN A 59 6.83 20.59 -5.99
N GLY A 60 7.45 20.03 -4.96
CA GLY A 60 6.97 18.77 -4.37
C GLY A 60 7.38 17.51 -5.12
N ALA A 61 8.34 17.64 -6.04
CA ALA A 61 8.81 16.50 -6.84
C ALA A 61 9.30 15.34 -5.97
N HIS A 62 9.90 15.67 -4.83
CA HIS A 62 10.55 14.67 -3.99
C HIS A 62 9.55 13.71 -3.41
N ARG A 63 8.29 14.13 -3.34
CA ARG A 63 7.26 13.29 -2.71
C ARG A 63 7.01 12.03 -3.48
N ALA A 64 7.25 12.07 -4.78
CA ALA A 64 7.14 10.85 -5.59
C ALA A 64 8.31 9.89 -5.35
N GLY A 65 9.44 10.41 -4.89
CA GLY A 65 10.67 9.63 -4.71
C GLY A 65 11.49 9.60 -5.99
N LEU A 66 10.91 10.06 -7.09
CA LEU A 66 11.52 9.97 -8.40
C LEU A 66 11.02 11.13 -9.28
N ALA A 67 11.91 11.78 -10.02
CA ALA A 67 11.51 12.82 -10.98
C ALA A 67 12.31 12.71 -12.26
N LYS A 68 11.70 13.10 -13.37
CA LYS A 68 12.40 13.16 -14.65
C LYS A 68 12.75 14.61 -14.96
N VAL A 69 13.98 14.84 -15.43
CA VAL A 69 14.34 16.18 -15.89
C VAL A 69 14.85 16.11 -17.31
N VAL A 70 14.17 16.80 -18.22
CA VAL A 70 14.56 16.79 -19.63
C VAL A 70 15.40 18.03 -19.90
N PRO A 71 16.66 17.85 -20.26
CA PRO A 71 17.55 18.99 -20.45
C PRO A 71 17.19 19.71 -21.75
N PRO A 72 17.57 21.00 -21.87
CA PRO A 72 17.32 21.77 -23.09
C PRO A 72 17.86 21.02 -24.31
N LYS A 73 17.12 21.00 -25.41
CA LYS A 73 17.54 20.28 -26.64
C LYS A 73 18.91 20.76 -27.09
N GLU A 74 19.23 21.99 -26.70
CA GLU A 74 20.52 22.63 -26.94
C GLU A 74 21.68 21.83 -26.34
N TRP A 75 21.39 21.08 -25.29
CA TRP A 75 22.44 20.53 -24.44
C TRP A 75 22.85 19.12 -24.84
N LYS A 76 24.15 18.86 -24.72
CA LYS A 76 24.72 17.53 -24.94
C LYS A 76 26.00 17.39 -24.10
N PRO A 77 26.19 16.24 -23.44
CA PRO A 77 27.37 15.95 -22.61
C PRO A 77 28.53 15.39 -23.40
N ARG A 78 28.25 14.93 -24.61
CA ARG A 78 29.27 14.34 -25.46
C ARG A 78 28.85 14.53 -26.91
N ALA A 79 29.80 14.88 -27.76
CA ALA A 79 29.47 15.12 -29.15
C ALA A 79 29.22 13.81 -29.88
N SER A 80 30.00 12.78 -29.55
CA SER A 80 29.86 11.49 -30.24
C SER A 80 30.12 10.28 -29.34
N TYR A 81 29.29 9.25 -29.48
CA TYR A 81 29.51 7.99 -28.76
C TYR A 81 30.02 6.90 -29.69
N ASP A 82 30.49 7.28 -30.86
CA ASP A 82 30.96 6.32 -31.83
C ASP A 82 32.37 5.84 -31.52
N ASP A 83 32.93 6.33 -30.42
CA ASP A 83 34.31 6.03 -30.07
C ASP A 83 34.50 5.21 -28.78
N ILE A 84 33.52 4.37 -28.45
CA ILE A 84 33.58 3.68 -27.15
C ILE A 84 33.49 2.17 -27.23
N ASP A 85 33.56 1.64 -28.44
CA ASP A 85 33.40 0.20 -28.64
C ASP A 85 34.52 -0.59 -27.95
N ASP A 86 35.64 0.06 -27.70
CA ASP A 86 36.79 -0.59 -27.11
C ASP A 86 36.77 -0.50 -25.57
N LEU A 87 35.83 0.28 -25.04
CA LEU A 87 35.72 0.45 -23.58
C LEU A 87 35.45 -0.91 -22.93
N VAL A 88 36.22 -1.21 -21.89
CA VAL A 88 36.10 -2.50 -21.21
C VAL A 88 35.02 -2.49 -20.10
N ILE A 89 34.24 -3.57 -20.06
CA ILE A 89 33.32 -3.87 -18.96
C ILE A 89 33.95 -4.99 -18.15
N PRO A 90 34.64 -4.66 -17.05
CA PRO A 90 35.52 -5.62 -16.38
C PRO A 90 34.80 -6.74 -15.65
N ALA A 91 33.54 -6.51 -15.30
CA ALA A 91 32.78 -7.45 -14.49
C ALA A 91 31.33 -7.51 -14.97
N PRO A 92 31.11 -8.08 -16.16
CA PRO A 92 29.71 -8.16 -16.57
C PRO A 92 28.98 -9.17 -15.69
N ILE A 93 27.68 -8.98 -15.57
CA ILE A 93 26.87 -9.76 -14.64
C ILE A 93 25.75 -10.47 -15.38
N GLN A 94 25.66 -11.79 -15.24
CA GLN A 94 24.50 -12.49 -15.76
C GLN A 94 23.41 -12.59 -14.67
N GLN A 95 22.21 -12.15 -15.01
CA GLN A 95 21.13 -11.99 -14.03
C GLN A 95 20.18 -13.18 -14.03
N LEU A 96 20.38 -14.11 -13.11
CA LEU A 96 19.49 -15.24 -13.04
C LEU A 96 18.35 -14.94 -12.06
N VAL A 97 17.11 -14.90 -12.58
CA VAL A 97 15.97 -14.55 -11.76
C VAL A 97 15.12 -15.78 -11.42
N THR A 98 14.82 -15.93 -10.14
N THR A 98 14.70 -15.85 -10.16
CA THR A 98 14.00 -17.02 -9.66
CA THR A 98 14.09 -17.03 -9.56
C THR A 98 12.76 -16.48 -9.00
C THR A 98 12.82 -16.69 -8.77
N GLY A 99 11.66 -17.16 -9.21
CA GLY A 99 10.41 -16.85 -8.52
C GLY A 99 9.14 -17.06 -9.33
N GLN A 100 8.05 -16.55 -8.80
CA GLN A 100 6.72 -16.72 -9.41
C GLN A 100 5.74 -15.73 -8.79
N SER A 101 4.64 -15.46 -9.48
CA SER A 101 3.52 -14.72 -8.89
C SER A 101 3.91 -13.32 -8.47
N GLY A 102 4.71 -12.64 -9.29
CA GLY A 102 5.11 -11.27 -9.04
C GLY A 102 6.18 -11.03 -7.98
N LEU A 103 6.76 -12.09 -7.44
CA LEU A 103 7.83 -11.99 -6.45
C LEU A 103 9.05 -12.75 -6.88
N PHE A 104 10.20 -12.08 -6.93
CA PHE A 104 11.39 -12.75 -7.41
C PHE A 104 12.64 -12.40 -6.64
N THR A 105 13.61 -13.31 -6.70
CA THR A 105 14.93 -13.05 -6.20
C THR A 105 15.92 -13.17 -7.37
N GLN A 106 16.78 -12.17 -7.50
CA GLN A 106 17.73 -12.08 -8.61
C GLN A 106 19.13 -12.39 -8.14
N TYR A 107 19.73 -13.42 -8.74
CA TYR A 107 21.11 -13.79 -8.42
C TYR A 107 22.06 -13.30 -9.50
N ASN A 108 23.20 -12.76 -9.08
CA ASN A 108 24.20 -12.27 -10.01
C ASN A 108 25.29 -13.31 -10.29
N ILE A 109 25.55 -13.56 -11.56
CA ILE A 109 26.59 -14.50 -11.96
C ILE A 109 27.65 -13.67 -12.66
N GLN A 110 28.82 -13.51 -12.05
CA GLN A 110 29.85 -12.71 -12.69
C GLN A 110 30.46 -13.47 -13.87
N LYS A 111 30.54 -12.78 -15.00
CA LYS A 111 31.12 -13.29 -16.23
C LYS A 111 32.45 -12.60 -16.48
N LYS A 112 33.20 -13.08 -17.46
CA LYS A 112 34.52 -12.55 -17.78
C LYS A 112 34.37 -11.20 -18.47
N ALA A 113 35.39 -10.35 -18.34
CA ALA A 113 35.38 -9.02 -18.96
C ALA A 113 35.06 -9.05 -20.45
N MET A 114 34.49 -7.95 -20.94
CA MET A 114 34.21 -7.83 -22.35
C MET A 114 34.12 -6.35 -22.71
N THR A 115 34.21 -6.05 -23.99
CA THR A 115 34.19 -4.69 -24.53
C THR A 115 32.77 -4.28 -24.85
N VAL A 116 32.52 -2.98 -24.94
CA VAL A 116 31.21 -2.50 -25.34
C VAL A 116 30.74 -3.11 -26.69
N ARG A 117 31.68 -3.33 -27.60
CA ARG A 117 31.28 -3.90 -28.89
C ARG A 117 30.85 -5.35 -28.70
N GLU A 118 31.59 -6.09 -27.88
CA GLU A 118 31.20 -7.47 -27.59
C GLU A 118 29.83 -7.55 -26.92
N PHE A 119 29.59 -6.63 -25.98
CA PHE A 119 28.32 -6.58 -25.28
C PHE A 119 27.17 -6.25 -26.25
N ARG A 120 27.38 -5.24 -27.09
CA ARG A 120 26.36 -4.82 -28.04
C ARG A 120 25.97 -5.99 -28.97
N LYS A 121 26.95 -6.78 -29.36
CA LYS A 121 26.73 -7.91 -30.25
C LYS A 121 25.81 -8.91 -29.56
N ILE A 122 26.17 -9.27 -28.34
CA ILE A 122 25.30 -10.14 -27.56
C ILE A 122 23.91 -9.51 -27.41
N ALA A 123 23.87 -8.23 -27.05
CA ALA A 123 22.60 -7.55 -26.76
C ALA A 123 21.64 -7.54 -27.93
N ASN A 124 22.20 -7.44 -29.14
CA ASN A 124 21.40 -7.28 -30.35
C ASN A 124 21.17 -8.60 -31.09
N SER A 125 21.81 -9.66 -30.60
CA SER A 125 21.61 -11.00 -31.16
C SER A 125 20.17 -11.45 -31.02
N ASP A 126 19.78 -12.46 -31.77
CA ASP A 126 18.38 -12.92 -31.78
C ASP A 126 17.97 -13.45 -30.42
N LYS A 127 18.91 -14.07 -29.72
CA LYS A 127 18.66 -14.67 -28.42
C LYS A 127 18.26 -13.63 -27.40
N TYR A 128 18.94 -12.47 -27.42
CA TYR A 128 18.80 -11.51 -26.33
C TYR A 128 18.08 -10.23 -26.67
N CYS A 129 17.82 -9.98 -27.96
CA CYS A 129 17.30 -8.68 -28.40
C CYS A 129 15.87 -8.44 -27.96
N THR A 130 15.45 -7.18 -28.04
CA THR A 130 14.08 -6.76 -27.68
C THR A 130 13.00 -7.45 -28.50
N PRO A 131 11.90 -7.87 -27.87
CA PRO A 131 10.75 -8.41 -28.59
C PRO A 131 9.95 -7.30 -29.27
N ARG A 132 9.25 -7.63 -30.37
CA ARG A 132 8.40 -6.65 -31.04
C ARG A 132 7.18 -6.39 -30.17
N TYR A 133 6.56 -5.22 -30.33
CA TYR A 133 5.42 -4.84 -29.49
C TYR A 133 4.79 -3.50 -29.90
N SER A 134 3.51 -3.32 -29.57
CA SER A 134 2.80 -2.06 -29.83
C SER A 134 3.08 -1.00 -28.74
N GLU A 135 2.25 -1.01 -27.70
CA GLU A 135 2.33 -0.05 -26.61
C GLU A 135 3.30 -0.53 -25.51
N PHE A 136 3.74 0.38 -24.65
CA PHE A 136 4.68 0.03 -23.59
C PHE A 136 4.09 -1.03 -22.66
N GLU A 137 2.78 -0.98 -22.44
CA GLU A 137 2.11 -1.93 -21.56
C GLU A 137 2.33 -3.37 -22.02
N GLU A 138 2.53 -3.54 -23.33
CA GLU A 138 2.82 -4.84 -23.91
C GLU A 138 4.21 -5.31 -23.54
N LEU A 139 5.20 -4.42 -23.66
CA LEU A 139 6.57 -4.77 -23.32
C LEU A 139 6.69 -5.06 -21.82
N GLU A 140 5.98 -4.27 -21.03
CA GLU A 140 5.94 -4.44 -19.58
C GLU A 140 5.39 -5.82 -19.23
N ARG A 141 4.24 -6.18 -19.78
CA ARG A 141 3.69 -7.53 -19.61
C ARG A 141 4.69 -8.62 -19.97
N LYS A 142 5.42 -8.43 -21.06
CA LYS A 142 6.41 -9.41 -21.50
C LYS A 142 7.62 -9.48 -20.58
N TYR A 143 7.99 -8.35 -19.98
CA TYR A 143 9.08 -8.35 -19.02
C TYR A 143 8.71 -9.24 -17.82
N TRP A 144 7.53 -9.00 -17.25
CA TRP A 144 7.11 -9.71 -16.04
C TRP A 144 6.66 -11.15 -16.31
N LYS A 145 6.45 -11.51 -17.58
CA LYS A 145 6.19 -12.90 -17.94
C LYS A 145 7.48 -13.70 -18.20
N ASN A 146 8.51 -13.05 -18.74
CA ASN A 146 9.72 -13.77 -19.16
C ASN A 146 10.99 -13.49 -18.37
N LEU A 147 10.82 -12.74 -17.29
CA LEU A 147 11.90 -12.34 -16.37
C LEU A 147 12.82 -13.49 -15.94
N THR A 148 12.25 -14.67 -15.72
CA THR A 148 13.07 -15.76 -15.21
C THR A 148 13.67 -16.65 -16.31
N PHE A 149 13.38 -16.35 -17.58
CA PHE A 149 13.90 -17.15 -18.71
C PHE A 149 15.05 -16.45 -19.45
N ASN A 150 15.98 -17.22 -19.99
CA ASN A 150 17.03 -16.65 -20.85
C ASN A 150 17.80 -15.48 -20.21
N PRO A 151 18.51 -15.75 -19.10
CA PRO A 151 19.15 -14.70 -18.30
C PRO A 151 20.11 -13.80 -19.08
N PRO A 152 19.85 -12.49 -19.05
CA PRO A 152 20.63 -11.48 -19.78
C PRO A 152 21.90 -11.10 -19.07
N ILE A 153 22.70 -10.25 -19.70
CA ILE A 153 23.94 -9.81 -19.09
C ILE A 153 23.87 -8.29 -18.93
N TYR A 154 24.16 -7.81 -17.71
CA TYR A 154 24.12 -6.38 -17.41
C TYR A 154 25.56 -5.96 -17.22
N GLY A 155 26.01 -5.01 -18.03
CA GLY A 155 27.35 -4.49 -17.87
C GLY A 155 27.30 -3.37 -16.86
N ALA A 156 27.09 -3.75 -15.60
CA ALA A 156 26.81 -2.78 -14.54
C ALA A 156 28.08 -2.37 -13.79
N ASP A 157 27.99 -1.26 -13.06
CA ASP A 157 29.06 -0.80 -12.17
C ASP A 157 30.39 -0.63 -12.89
N VAL A 158 30.35 -0.04 -14.07
CA VAL A 158 31.61 0.26 -14.74
C VAL A 158 32.06 1.65 -14.32
N ASN A 159 33.26 1.71 -13.72
CA ASN A 159 33.83 2.96 -13.27
C ASN A 159 34.15 3.85 -14.46
N GLY A 160 33.58 5.05 -14.50
CA GLY A 160 33.89 5.96 -15.58
C GLY A 160 32.80 6.95 -15.86
N THR A 161 33.11 7.88 -16.77
CA THR A 161 32.18 8.89 -17.22
C THR A 161 32.28 9.03 -18.73
N LEU A 162 31.18 9.42 -19.35
CA LEU A 162 31.16 9.68 -20.78
C LEU A 162 30.95 11.17 -21.04
N TYR A 163 30.97 11.98 -19.98
CA TYR A 163 30.96 13.43 -20.11
C TYR A 163 32.32 13.95 -20.61
N GLU A 164 32.29 14.84 -21.58
CA GLU A 164 33.51 15.55 -21.98
C GLU A 164 33.97 16.46 -20.84
N LYS A 165 35.28 16.67 -20.74
CA LYS A 165 35.89 17.34 -19.58
C LYS A 165 35.40 18.77 -19.35
N HIS A 166 34.88 19.40 -20.40
CA HIS A 166 34.50 20.82 -20.32
C HIS A 166 33.02 21.03 -19.94
N VAL A 167 32.20 19.98 -20.03
CA VAL A 167 30.78 20.12 -19.74
C VAL A 167 30.59 20.49 -18.26
N ASP A 168 30.01 21.66 -18.02
CA ASP A 168 29.89 22.19 -16.65
C ASP A 168 28.48 22.04 -16.07
N GLU A 169 27.51 21.73 -16.91
CA GLU A 169 26.14 21.55 -16.44
C GLU A 169 25.84 20.07 -16.13
N TRP A 170 25.30 19.81 -14.95
CA TRP A 170 24.85 18.47 -14.57
C TRP A 170 25.89 17.40 -14.87
N ASN A 171 27.14 17.73 -14.57
CA ASN A 171 28.23 16.79 -14.79
C ASN A 171 28.29 15.79 -13.65
N ILE A 172 27.91 14.56 -13.95
CA ILE A 172 27.79 13.51 -12.93
C ILE A 172 29.12 13.22 -12.25
N GLY A 173 30.21 13.52 -12.95
CA GLY A 173 31.54 13.40 -12.39
C GLY A 173 31.85 14.40 -11.28
N ARG A 174 31.30 15.60 -11.38
CA ARG A 174 31.59 16.64 -10.39
C ARG A 174 30.37 17.54 -10.18
N LEU A 175 29.44 17.09 -9.34
CA LEU A 175 28.17 17.79 -9.16
C LEU A 175 28.27 18.89 -8.11
N ARG A 176 29.31 18.83 -7.29
CA ARG A 176 29.58 19.86 -6.27
C ARG A 176 28.51 20.00 -5.18
N THR A 177 27.89 18.90 -4.75
CA THR A 177 26.92 19.01 -3.64
C THR A 177 27.67 18.78 -2.34
N ILE A 178 26.99 18.86 -1.21
CA ILE A 178 27.64 18.66 0.08
C ILE A 178 28.11 17.22 0.31
N LEU A 179 27.73 16.27 -0.56
CA LEU A 179 28.32 14.91 -0.47
C LEU A 179 29.84 14.96 -0.65
N ASP A 180 30.32 16.02 -1.33
CA ASP A 180 31.76 16.26 -1.51
C ASP A 180 32.50 16.33 -0.17
N LEU A 181 31.76 16.62 0.89
CA LEU A 181 32.34 16.72 2.21
C LEU A 181 32.97 15.40 2.67
N VAL A 182 32.49 14.28 2.14
CA VAL A 182 33.05 12.99 2.51
C VAL A 182 34.51 12.88 2.06
N GLU A 183 34.74 12.99 0.77
CA GLU A 183 36.09 12.96 0.23
C GLU A 183 36.93 14.11 0.85
N LYS A 184 36.35 15.30 0.92
CA LYS A 184 37.04 16.48 1.44
C LYS A 184 37.63 16.21 2.82
N GLU A 185 36.77 15.77 3.74
CA GLU A 185 37.20 15.51 5.12
C GLU A 185 38.09 14.27 5.30
N SER A 186 37.88 13.22 4.52
CA SER A 186 38.50 11.93 4.84
C SER A 186 39.31 11.31 3.70
N GLY A 187 39.18 11.85 2.49
CA GLY A 187 39.89 11.30 1.34
C GLY A 187 39.26 10.04 0.77
N ILE A 188 38.21 9.54 1.43
CA ILE A 188 37.58 8.30 1.00
C ILE A 188 36.75 8.49 -0.26
N THR A 189 37.03 7.66 -1.27
CA THR A 189 36.15 7.56 -2.41
C THR A 189 35.39 6.25 -2.34
N ILE A 190 34.12 6.33 -2.68
CA ILE A 190 33.20 5.20 -2.65
C ILE A 190 32.67 5.08 -4.07
N GLU A 191 33.12 4.05 -4.78
CA GLU A 191 32.82 3.93 -6.20
C GLU A 191 31.33 3.85 -6.50
N GLY A 192 30.87 4.69 -7.43
CA GLY A 192 29.47 4.77 -7.76
C GLY A 192 28.67 5.66 -6.83
N VAL A 193 29.26 6.08 -5.71
CA VAL A 193 28.55 6.91 -4.73
C VAL A 193 29.07 8.35 -4.78
N ASN A 194 30.36 8.60 -4.55
CA ASN A 194 30.91 9.91 -4.89
C ASN A 194 31.84 9.84 -6.11
N THR A 195 31.69 8.78 -6.91
CA THR A 195 32.30 8.72 -8.25
C THR A 195 31.27 8.11 -9.21
N PRO A 196 31.39 8.35 -10.53
CA PRO A 196 30.36 7.90 -11.48
C PRO A 196 30.45 6.44 -11.88
N TYR A 197 29.28 5.84 -12.15
CA TYR A 197 29.16 4.49 -12.71
C TYR A 197 28.51 4.54 -14.08
N LEU A 198 28.96 3.66 -14.96
CA LEU A 198 28.33 3.48 -16.25
C LEU A 198 27.59 2.17 -16.21
N TYR A 199 26.40 2.13 -16.79
CA TYR A 199 25.63 0.87 -16.87
C TYR A 199 25.27 0.59 -18.31
N PHE A 200 25.77 -0.52 -18.85
CA PHE A 200 25.38 -0.95 -20.19
C PHE A 200 24.29 -2.01 -20.10
N GLY A 201 23.10 -1.67 -20.57
CA GLY A 201 21.96 -2.57 -20.43
C GLY A 201 21.65 -3.31 -21.72
N MET A 202 20.89 -4.39 -21.59
CA MET A 202 20.31 -5.09 -22.72
C MET A 202 18.90 -5.45 -22.27
N TRP A 203 18.07 -5.96 -23.19
CA TRP A 203 16.69 -6.26 -22.86
C TRP A 203 16.56 -7.14 -21.61
N LYS A 204 15.62 -6.80 -20.74
CA LYS A 204 15.24 -7.61 -19.60
C LYS A 204 16.28 -7.60 -18.48
N THR A 205 17.35 -6.79 -18.62
CA THR A 205 18.23 -6.55 -17.45
C THR A 205 17.49 -5.63 -16.48
N SER A 206 17.74 -5.82 -15.18
CA SER A 206 16.88 -5.20 -14.15
C SER A 206 17.67 -4.58 -13.02
N PHE A 207 17.04 -3.60 -12.35
CA PHE A 207 17.52 -3.20 -11.03
C PHE A 207 16.39 -3.43 -10.03
N ALA A 208 16.74 -4.13 -8.96
CA ALA A 208 15.79 -4.57 -7.96
C ALA A 208 15.34 -3.39 -7.08
N TRP A 209 14.26 -3.59 -6.35
CA TRP A 209 13.77 -2.59 -5.41
C TRP A 209 14.84 -2.19 -4.40
N HIS A 210 15.11 -0.90 -4.31
CA HIS A 210 16.09 -0.39 -3.35
C HIS A 210 15.96 1.11 -3.16
N THR A 211 16.49 1.59 -2.04
CA THR A 211 16.86 2.99 -1.94
C THR A 211 18.36 3.07 -2.08
N GLU A 212 18.90 4.28 -2.19
CA GLU A 212 20.34 4.43 -2.35
C GLU A 212 21.10 4.13 -1.05
N ASP A 213 22.40 3.88 -1.17
CA ASP A 213 23.26 3.79 0.02
C ASP A 213 23.08 5.01 0.93
N MET A 214 22.96 4.77 2.23
CA MET A 214 22.76 5.86 3.20
C MET A 214 21.53 6.71 2.90
N ASP A 215 20.61 6.15 2.10
CA ASP A 215 19.40 6.83 1.67
C ASP A 215 19.67 8.20 1.02
N LEU A 216 20.73 8.25 0.22
CA LEU A 216 21.12 9.43 -0.56
C LEU A 216 20.22 9.68 -1.78
N TYR A 217 20.40 10.82 -2.43
CA TYR A 217 19.83 11.05 -3.76
C TYR A 217 20.65 10.27 -4.78
N SER A 218 20.08 10.03 -5.95
CA SER A 218 20.91 9.62 -7.08
C SER A 218 20.48 10.37 -8.33
N ILE A 219 21.38 10.44 -9.29
CA ILE A 219 21.08 11.00 -10.60
C ILE A 219 21.44 9.96 -11.65
N ASN A 220 20.57 9.77 -12.63
CA ASN A 220 20.79 8.76 -13.66
C ASN A 220 20.59 9.42 -15.02
N TYR A 221 21.61 9.33 -15.86
CA TYR A 221 21.53 9.95 -17.19
C TYR A 221 21.62 8.86 -18.23
N LEU A 222 20.65 8.81 -19.14
CA LEU A 222 20.66 7.77 -20.17
C LEU A 222 21.34 8.34 -21.41
N HIS A 223 22.62 8.03 -21.58
CA HIS A 223 23.40 8.55 -22.70
C HIS A 223 22.78 8.20 -24.06
N PHE A 224 22.42 6.95 -24.27
CA PHE A 224 21.85 6.50 -25.55
C PHE A 224 21.19 5.13 -25.49
N GLY A 225 20.38 4.84 -26.49
CA GLY A 225 19.87 3.50 -26.68
C GLY A 225 18.41 3.37 -26.30
N GLU A 226 17.98 2.13 -26.15
CA GLU A 226 16.58 1.86 -25.86
C GLU A 226 16.21 2.36 -24.44
N PRO A 227 14.91 2.51 -24.17
CA PRO A 227 14.58 3.18 -22.91
C PRO A 227 14.86 2.33 -21.65
N LYS A 228 14.64 2.96 -20.50
CA LYS A 228 14.80 2.34 -19.20
C LYS A 228 13.52 2.70 -18.44
N SER A 229 12.77 1.70 -18.02
CA SER A 229 11.51 1.98 -17.33
C SER A 229 11.72 1.82 -15.83
N TRP A 230 10.99 2.64 -15.06
CA TRP A 230 11.20 2.79 -13.63
C TRP A 230 9.91 2.61 -12.87
N TYR A 231 9.99 2.05 -11.67
CA TYR A 231 8.87 2.08 -10.73
C TYR A 231 9.34 2.79 -9.49
N SER A 232 8.44 3.46 -8.78
CA SER A 232 8.82 4.20 -7.59
CA SER A 232 8.83 4.18 -7.58
C SER A 232 7.73 4.13 -6.53
N VAL A 233 8.13 4.11 -5.26
CA VAL A 233 7.21 4.16 -4.14
C VAL A 233 7.53 5.44 -3.38
N PRO A 234 6.52 6.28 -3.11
CA PRO A 234 6.77 7.54 -2.39
C PRO A 234 7.48 7.29 -1.04
N PRO A 235 8.46 8.13 -0.70
CA PRO A 235 9.16 7.97 0.59
C PRO A 235 8.17 7.86 1.75
N GLU A 236 7.06 8.58 1.70
CA GLU A 236 6.13 8.56 2.81
C GLU A 236 5.39 7.23 2.90
N HIS A 237 5.47 6.42 1.85
CA HIS A 237 4.93 5.05 1.92
C HIS A 237 6.02 3.96 1.89
N GLY A 238 7.30 4.33 1.94
CA GLY A 238 8.39 3.36 1.90
C GLY A 238 8.30 2.27 2.97
N LYS A 239 7.82 2.61 4.15
CA LYS A 239 7.77 1.62 5.24
C LYS A 239 6.76 0.55 4.93
N ARG A 240 5.69 0.91 4.22
CA ARG A 240 4.70 -0.07 3.84
CA ARG A 240 4.68 -0.05 3.82
C ARG A 240 5.28 -1.10 2.88
N LEU A 241 6.11 -0.64 1.95
CA LEU A 241 6.80 -1.57 1.05
C LEU A 241 7.71 -2.49 1.84
N GLU A 242 8.46 -1.94 2.78
CA GLU A 242 9.37 -2.74 3.61
C GLU A 242 8.60 -3.81 4.38
N ARG A 243 7.43 -3.43 4.89
CA ARG A 243 6.59 -4.35 5.67
C ARG A 243 6.10 -5.52 4.82
N LEU A 244 5.66 -5.19 3.61
CA LEU A 244 5.28 -6.19 2.62
C LEU A 244 6.44 -7.13 2.31
N ALA A 245 7.62 -6.54 2.08
CA ALA A 245 8.78 -7.34 1.70
C ALA A 245 9.18 -8.28 2.84
N LYS A 246 9.14 -7.78 4.07
CA LYS A 246 9.50 -8.59 5.23
C LYS A 246 8.55 -9.77 5.38
N GLY A 247 7.30 -9.57 4.97
CA GLY A 247 6.30 -10.63 5.02
C GLY A 247 6.51 -11.71 3.98
N PHE A 248 6.92 -11.33 2.77
CA PHE A 248 7.16 -12.33 1.72
C PHE A 248 8.48 -13.04 1.88
N PHE A 249 9.43 -12.42 2.59
CA PHE A 249 10.75 -13.00 2.81
C PHE A 249 11.16 -13.00 4.27
N PRO A 250 10.45 -13.77 5.11
CA PRO A 250 10.74 -13.72 6.55
C PRO A 250 12.16 -14.18 6.86
N GLY A 251 12.65 -15.17 6.13
CA GLY A 251 13.99 -15.67 6.35
C GLY A 251 15.00 -14.56 6.14
N SER A 252 14.91 -13.87 5.01
CA SER A 252 15.80 -12.75 4.73
C SER A 252 15.68 -11.65 5.79
N ALA A 253 14.44 -11.34 6.17
CA ALA A 253 14.22 -10.29 7.16
C ALA A 253 14.84 -10.63 8.52
N GLN A 254 14.86 -11.91 8.88
CA GLN A 254 15.50 -12.30 10.14
C GLN A 254 17.03 -12.31 10.06
N SER A 255 17.58 -12.50 8.86
CA SER A 255 19.04 -12.57 8.72
C SER A 255 19.71 -11.20 8.58
N CYS A 256 18.93 -10.21 8.20
CA CYS A 256 19.49 -8.91 7.92
C CYS A 256 18.46 -7.84 8.25
N GLU A 257 18.94 -6.73 8.80
CA GLU A 257 18.07 -5.64 9.22
C GLU A 257 17.63 -4.78 8.04
N ALA A 258 18.26 -4.96 6.88
CA ALA A 258 17.84 -4.20 5.70
C ALA A 258 18.09 -5.00 4.43
N PHE A 259 17.43 -6.15 4.30
CA PHE A 259 17.79 -7.10 3.25
C PHE A 259 17.50 -6.56 1.84
N LEU A 260 16.67 -5.54 1.71
CA LEU A 260 16.45 -4.93 0.38
C LEU A 260 17.71 -4.24 -0.15
N ARG A 261 18.61 -3.84 0.74
CA ARG A 261 19.89 -3.26 0.30
C ARG A 261 20.76 -4.25 -0.45
N HIS A 262 20.42 -5.54 -0.39
CA HIS A 262 21.15 -6.52 -1.21
C HIS A 262 20.83 -6.34 -2.68
N LYS A 263 19.75 -5.62 -2.98
CA LYS A 263 19.30 -5.36 -4.34
C LYS A 263 19.09 -6.63 -5.15
N MET A 264 18.41 -7.59 -4.54
CA MET A 264 18.13 -8.87 -5.18
C MET A 264 16.66 -9.11 -5.35
N THR A 265 15.84 -8.21 -4.81
CA THR A 265 14.40 -8.45 -4.69
C THR A 265 13.55 -7.70 -5.72
N LEU A 266 12.86 -8.46 -6.55
CA LEU A 266 12.02 -7.85 -7.57
C LEU A 266 10.57 -8.09 -7.23
N ILE A 267 9.75 -7.06 -7.36
CA ILE A 267 8.34 -7.16 -7.02
C ILE A 267 7.53 -6.43 -8.08
N SER A 268 6.60 -7.15 -8.70
CA SER A 268 5.82 -6.64 -9.84
C SER A 268 4.78 -5.59 -9.42
N PRO A 269 4.46 -4.68 -10.34
CA PRO A 269 3.46 -3.68 -10.00
C PRO A 269 2.09 -4.31 -9.66
N LEU A 270 1.74 -5.43 -10.28
CA LEU A 270 0.49 -6.11 -9.89
C LEU A 270 0.49 -6.60 -8.42
N MET A 271 1.64 -7.02 -7.90
CA MET A 271 1.74 -7.39 -6.48
C MET A 271 1.56 -6.15 -5.61
N LEU A 272 2.19 -5.05 -6.02
CA LEU A 272 2.09 -3.82 -5.25
C LEU A 272 0.65 -3.36 -5.20
N LYS A 273 -0.04 -3.46 -6.33
CA LYS A 273 -1.45 -3.06 -6.42
C LYS A 273 -2.27 -3.92 -5.47
N LYS A 274 -2.04 -5.22 -5.58
CA LYS A 274 -2.74 -6.22 -4.79
C LYS A 274 -2.67 -5.93 -3.28
N TYR A 275 -1.54 -5.38 -2.83
CA TYR A 275 -1.39 -5.10 -1.42
C TYR A 275 -1.40 -3.61 -1.07
N GLY A 276 -1.98 -2.80 -1.94
CA GLY A 276 -2.24 -1.40 -1.63
C GLY A 276 -1.01 -0.52 -1.40
N ILE A 277 0.13 -0.89 -1.96
CA ILE A 277 1.28 0.00 -1.95
C ILE A 277 1.15 1.03 -3.08
N PRO A 278 1.10 2.32 -2.73
CA PRO A 278 1.07 3.33 -3.79
C PRO A 278 2.39 3.32 -4.55
N PHE A 279 2.34 3.48 -5.86
CA PHE A 279 3.54 3.53 -6.66
C PHE A 279 3.23 4.26 -7.95
N ASP A 280 4.28 4.70 -8.66
CA ASP A 280 4.13 5.29 -9.98
C ASP A 280 5.12 4.60 -10.93
N LYS A 281 4.93 4.80 -12.24
CA LYS A 281 5.81 4.23 -13.28
C LYS A 281 6.26 5.35 -14.18
N VAL A 282 7.44 5.24 -14.75
CA VAL A 282 7.88 6.23 -15.74
C VAL A 282 8.89 5.54 -16.60
N THR A 283 8.96 5.97 -17.87
CA THR A 283 9.91 5.45 -18.81
C THR A 283 10.90 6.52 -19.18
N GLN A 284 12.18 6.22 -19.04
CA GLN A 284 13.25 7.18 -19.31
C GLN A 284 13.83 6.91 -20.70
N GLU A 285 13.98 7.95 -21.51
CA GLU A 285 14.54 7.76 -22.86
C GLU A 285 15.91 8.40 -22.99
N ALA A 286 16.65 8.02 -24.03
CA ALA A 286 17.94 8.61 -24.34
C ALA A 286 17.91 10.13 -24.19
N GLY A 287 18.94 10.68 -23.56
CA GLY A 287 18.99 12.12 -23.30
C GLY A 287 18.25 12.63 -22.08
N GLU A 288 17.63 11.75 -21.30
CA GLU A 288 16.84 12.20 -20.14
C GLU A 288 17.47 11.82 -18.79
N PHE A 289 17.30 12.72 -17.81
CA PHE A 289 17.78 12.47 -16.46
C PHE A 289 16.68 11.91 -15.59
N MET A 290 17.05 10.98 -14.70
CA MET A 290 16.18 10.60 -13.59
C MET A 290 16.88 10.99 -12.28
N ILE A 291 16.10 11.55 -11.38
CA ILE A 291 16.58 11.89 -10.05
C ILE A 291 15.83 11.03 -9.03
N THR A 292 16.53 10.31 -8.16
CA THR A 292 15.80 9.68 -7.06
C THR A 292 16.10 10.42 -5.78
N PHE A 293 15.15 10.39 -4.85
CA PHE A 293 15.19 11.20 -3.64
C PHE A 293 15.41 10.33 -2.41
N PRO A 294 15.90 10.91 -1.30
CA PRO A 294 16.18 10.10 -0.10
C PRO A 294 15.02 9.21 0.29
N TYR A 295 15.33 7.93 0.51
CA TYR A 295 14.33 6.95 0.92
C TYR A 295 13.24 6.69 -0.13
N GLY A 296 13.54 7.03 -1.38
CA GLY A 296 12.64 6.68 -2.48
C GLY A 296 12.97 5.31 -3.04
N TYR A 297 12.13 4.33 -2.74
CA TYR A 297 12.33 3.01 -3.31
C TYR A 297 12.07 3.06 -4.81
N HIS A 298 12.97 2.45 -5.57
CA HIS A 298 12.76 2.32 -7.00
C HIS A 298 13.28 0.97 -7.49
N ALA A 299 12.72 0.56 -8.63
CA ALA A 299 13.14 -0.62 -9.37
C ALA A 299 12.81 -0.38 -10.85
N GLY A 300 13.27 -1.28 -11.71
CA GLY A 300 12.94 -1.20 -13.12
C GLY A 300 13.73 -2.14 -14.02
N PHE A 301 13.69 -1.87 -15.33
CA PHE A 301 14.35 -2.72 -16.31
C PHE A 301 14.71 -1.95 -17.59
N ASN A 302 15.66 -2.47 -18.35
CA ASN A 302 16.03 -1.89 -19.65
C ASN A 302 15.25 -2.51 -20.80
N HIS A 303 14.85 -1.67 -21.77
CA HIS A 303 14.10 -2.14 -22.94
C HIS A 303 15.02 -2.85 -23.93
N GLY A 304 16.30 -2.47 -23.93
CA GLY A 304 17.24 -3.03 -24.89
C GLY A 304 18.62 -2.43 -24.68
N PHE A 305 19.50 -2.62 -25.66
CA PHE A 305 20.85 -2.07 -25.56
C PHE A 305 20.83 -0.56 -25.27
N ASN A 306 21.51 -0.16 -24.19
CA ASN A 306 21.59 1.24 -23.83
C ASN A 306 22.77 1.47 -22.91
N CYS A 307 22.89 2.70 -22.43
CA CYS A 307 24.02 3.07 -21.60
C CYS A 307 23.64 4.22 -20.69
N ALA A 308 23.72 3.98 -19.38
CA ALA A 308 23.36 4.99 -18.37
C ALA A 308 24.55 5.30 -17.49
N GLU A 309 24.63 6.56 -17.08
CA GLU A 309 25.66 6.99 -16.15
C GLU A 309 24.99 7.48 -14.87
N SER A 310 25.56 7.16 -13.72
CA SER A 310 24.93 7.58 -12.47
C SER A 310 25.87 7.73 -11.29
N THR A 311 25.44 8.52 -10.30
CA THR A 311 26.18 8.65 -9.06
C THR A 311 25.19 9.08 -7.97
N ASN A 312 25.64 9.17 -6.72
CA ASN A 312 24.80 9.72 -5.65
C ASN A 312 25.13 11.18 -5.36
N PHE A 313 24.21 11.89 -4.69
CA PHE A 313 24.52 13.23 -4.22
C PHE A 313 23.65 13.55 -3.01
N ALA A 314 23.84 14.72 -2.42
CA ALA A 314 23.11 15.07 -1.21
C ALA A 314 22.64 16.52 -1.21
N THR A 315 21.72 16.80 -0.31
CA THR A 315 21.29 18.16 0.01
C THR A 315 21.28 18.23 1.52
N ARG A 316 21.05 19.42 2.07
CA ARG A 316 21.02 19.56 3.51
C ARG A 316 19.94 18.68 4.11
N ARG A 317 18.83 18.52 3.38
CA ARG A 317 17.72 17.65 3.80
C ARG A 317 18.14 16.18 4.00
N TRP A 318 19.07 15.70 3.16
CA TRP A 318 19.49 14.29 3.24
C TRP A 318 20.11 13.95 4.61
N ILE A 319 20.72 14.94 5.27
CA ILE A 319 21.51 14.67 6.48
C ILE A 319 20.74 13.87 7.52
N GLU A 320 19.48 14.23 7.73
CA GLU A 320 18.65 13.51 8.70
C GLU A 320 18.35 12.08 8.21
N TYR A 321 18.10 11.93 6.91
CA TYR A 321 17.96 10.58 6.36
C TYR A 321 19.24 9.78 6.61
N GLY A 322 20.39 10.39 6.32
CA GLY A 322 21.68 9.75 6.56
C GLY A 322 21.82 9.29 8.00
N LYS A 323 21.40 10.14 8.94
CA LYS A 323 21.50 9.81 10.37
C LYS A 323 20.63 8.63 10.73
N GLN A 324 19.50 8.50 10.04
CA GLN A 324 18.51 7.49 10.42
C GLN A 324 18.48 6.27 9.49
N ALA A 325 19.36 6.23 8.49
CA ALA A 325 19.38 5.14 7.52
C ALA A 325 19.61 3.81 8.21
N VAL A 326 18.77 2.82 7.91
CA VAL A 326 18.99 1.48 8.46
C VAL A 326 19.78 0.65 7.43
N LEU A 327 20.99 0.25 7.83
CA LEU A 327 21.94 -0.36 6.90
C LEU A 327 21.94 -1.88 6.99
N CYS A 328 22.48 -2.51 5.94
CA CYS A 328 22.65 -3.97 5.90
C CYS A 328 23.54 -4.41 7.03
N SER A 329 23.10 -5.43 7.77
CA SER A 329 23.79 -5.89 8.97
C SER A 329 24.52 -7.22 8.79
N CYS A 330 24.50 -7.80 7.60
CA CYS A 330 25.00 -9.15 7.42
C CYS A 330 26.24 -9.23 6.51
N ARG A 331 26.62 -8.11 5.92
CA ARG A 331 27.81 -8.04 5.08
CA ARG A 331 27.81 -8.04 5.08
C ARG A 331 28.76 -6.97 5.60
N LYS A 332 30.06 -7.19 5.43
CA LYS A 332 31.07 -6.22 5.84
C LYS A 332 31.39 -5.27 4.68
N ASP A 333 31.03 -5.73 3.48
CA ASP A 333 31.29 -5.06 2.21
C ASP A 333 30.46 -3.77 2.00
N MET A 334 29.50 -3.53 2.87
CA MET A 334 28.44 -2.56 2.59
C MET A 334 28.86 -1.09 2.79
N VAL A 335 28.14 -0.17 2.15
CA VAL A 335 28.50 1.24 2.22
C VAL A 335 27.99 1.95 3.47
N LYS A 336 28.91 2.56 4.19
CA LYS A 336 28.61 3.30 5.38
C LYS A 336 29.40 4.60 5.36
N ILE A 337 28.68 5.71 5.48
CA ILE A 337 29.27 7.03 5.51
C ILE A 337 29.15 7.53 6.94
N SER A 338 30.26 8.02 7.50
CA SER A 338 30.25 8.66 8.80
C SER A 338 29.44 9.95 8.77
N MET A 339 28.40 10.03 9.62
CA MET A 339 27.54 11.22 9.62
C MET A 339 28.10 12.38 10.45
N ASP A 340 29.08 12.07 11.30
CA ASP A 340 29.67 13.01 12.26
C ASP A 340 29.95 14.41 11.68
N VAL A 341 30.70 14.45 10.59
CA VAL A 341 31.11 15.71 10.00
C VAL A 341 29.90 16.52 9.51
N PHE A 342 28.84 15.85 9.07
CA PHE A 342 27.66 16.54 8.56
C PHE A 342 26.87 17.13 9.71
N VAL A 343 26.77 16.38 10.81
CA VAL A 343 26.04 16.88 11.96
C VAL A 343 26.78 18.07 12.61
N ARG A 344 28.11 17.99 12.74
CA ARG A 344 28.88 19.11 13.29
C ARG A 344 28.71 20.36 12.43
N LYS A 345 28.87 20.21 11.13
CA LYS A 345 28.84 21.37 10.25
C LYS A 345 27.45 21.96 10.07
N PHE A 346 26.41 21.13 9.93
CA PHE A 346 25.08 21.65 9.59
C PHE A 346 24.00 21.49 10.67
N GLN A 347 24.28 20.76 11.74
CA GLN A 347 23.36 20.68 12.88
C GLN A 347 24.08 20.79 14.23
N PRO A 348 24.96 21.81 14.40
CA PRO A 348 25.87 21.87 15.55
C PRO A 348 25.16 21.86 16.89
N GLU A 349 23.99 22.48 16.92
CA GLU A 349 23.19 22.54 18.13
C GLU A 349 22.66 21.17 18.50
N ARG A 350 22.65 20.23 17.55
CA ARG A 350 22.08 18.90 17.83
C ARG A 350 23.15 17.82 18.06
N TYR A 351 24.41 18.18 17.82
CA TYR A 351 25.51 17.20 17.81
C TYR A 351 25.64 16.44 19.13
N LYS A 352 25.64 17.17 20.24
CA LYS A 352 25.77 16.54 21.54
C LYS A 352 24.60 15.60 21.80
N LEU A 353 23.39 16.06 21.49
CA LEU A 353 22.21 15.23 21.67
C LEU A 353 22.26 13.98 20.79
N TRP A 354 22.73 14.16 19.57
CA TRP A 354 22.80 13.07 18.61
C TRP A 354 23.82 12.05 19.08
N LYS A 355 24.99 12.54 19.48
CA LYS A 355 26.08 11.69 19.94
C LYS A 355 25.68 10.95 21.23
N ALA A 356 24.87 11.57 22.07
CA ALA A 356 24.40 10.90 23.28
C ALA A 356 23.17 10.03 23.01
N GLY A 357 22.81 9.86 21.73
CA GLY A 357 21.72 8.99 21.35
C GLY A 357 20.33 9.48 21.68
N LYS A 358 20.17 10.79 21.89
CA LYS A 358 18.90 11.35 22.36
C LYS A 358 18.23 12.25 21.32
N ASP A 359 18.72 12.21 20.07
CA ASP A 359 18.13 13.01 18.99
C ASP A 359 16.95 12.28 18.35
N ASN A 360 15.74 12.67 18.74
CA ASN A 360 14.56 11.94 18.33
C ASN A 360 13.80 12.64 17.22
N THR A 361 14.49 13.48 16.46
CA THR A 361 13.90 14.17 15.30
C THR A 361 13.13 13.19 14.42
N VAL A 362 11.91 13.57 14.05
CA VAL A 362 11.10 12.73 13.18
C VAL A 362 11.14 13.32 11.79
N ILE A 363 11.35 12.50 10.77
CA ILE A 363 11.42 13.00 9.39
C ILE A 363 10.04 13.24 8.75
N ASP A 364 9.84 14.45 8.22
CA ASP A 364 8.67 14.78 7.41
C ASP A 364 9.05 14.67 5.95
N HIS A 365 8.62 13.60 5.30
CA HIS A 365 9.03 13.36 3.91
C HIS A 365 8.51 14.40 2.94
N THR A 366 7.57 15.21 3.38
CA THR A 366 6.93 16.19 2.49
C THR A 366 7.71 17.49 2.45
N LEU A 367 8.49 17.81 3.49
CA LEU A 367 9.23 19.07 3.51
C LEU A 367 10.30 19.15 2.43
N PRO A 368 10.37 20.29 1.70
CA PRO A 368 11.51 20.44 0.77
C PRO A 368 12.83 20.76 1.51
N THR A 369 13.96 20.57 0.83
CA THR A 369 15.25 20.91 1.40
C THR A 369 15.27 22.42 1.67
N PRO A 370 15.95 22.86 2.75
CA PRO A 370 15.97 24.30 3.11
C PRO A 370 16.50 25.23 2.03
N GLU A 371 17.39 24.74 1.15
CA GLU A 371 17.90 25.54 0.04
C GLU A 371 16.79 25.99 -0.93
N ALA A 372 15.61 25.42 -0.77
CA ALA A 372 14.46 25.73 -1.62
C ALA A 372 13.75 26.99 -1.18
N ALA A 373 14.10 27.50 0.00
CA ALA A 373 13.45 28.68 0.58
C ALA A 373 13.53 29.86 -0.37
N GLU A 374 14.59 29.90 -1.17
CA GLU A 374 14.73 30.82 -2.31
C GLU A 374 13.44 30.92 -3.15
N PHE A 375 12.84 29.77 -3.46
CA PHE A 375 11.61 29.70 -4.25
C PHE A 375 10.38 29.54 -3.37
N GLU A 376 10.60 29.47 -2.05
CA GLU A 376 9.54 29.30 -1.05
C GLU A 376 8.74 28.02 -1.27
N LEU B 30 1.16 -11.06 10.46
CA LEU B 30 2.09 -12.10 10.03
C LEU B 30 2.44 -12.01 8.52
N ASN B 31 2.14 -13.11 7.83
CA ASN B 31 2.39 -13.29 6.40
C ASN B 31 1.31 -12.67 5.53
N PRO B 32 1.69 -12.23 4.31
CA PRO B 32 0.82 -11.56 3.32
C PRO B 32 -0.36 -12.41 2.80
N SER B 33 -0.29 -13.73 2.95
CA SER B 33 -1.43 -14.54 2.56
C SER B 33 -2.55 -14.42 3.59
N ALA B 34 -2.32 -13.67 4.69
CA ALA B 34 -3.40 -13.22 5.58
C ALA B 34 -3.40 -11.70 5.77
N ARG B 35 -2.90 -10.98 4.76
CA ARG B 35 -2.96 -9.52 4.77
C ARG B 35 -4.04 -9.02 3.84
N ILE B 36 -4.56 -7.85 4.14
CA ILE B 36 -5.69 -7.31 3.41
C ILE B 36 -5.28 -7.09 1.98
N MET B 37 -6.05 -7.64 1.04
CA MET B 37 -5.77 -7.49 -0.38
C MET B 37 -6.76 -6.54 -1.05
N THR B 38 -6.30 -5.91 -2.12
CA THR B 38 -7.13 -4.97 -2.88
C THR B 38 -7.26 -5.47 -4.31
N PHE B 39 -8.46 -5.35 -4.89
CA PHE B 39 -8.73 -5.89 -6.21
C PHE B 39 -9.30 -4.84 -7.16
N TYR B 40 -8.99 -4.97 -8.44
CA TYR B 40 -9.42 -3.98 -9.40
C TYR B 40 -10.14 -4.61 -10.58
N PRO B 41 -11.40 -5.03 -10.40
CA PRO B 41 -12.12 -5.72 -11.48
C PRO B 41 -12.35 -4.87 -12.72
N THR B 42 -12.27 -5.49 -13.90
CA THR B 42 -12.74 -4.87 -15.14
C THR B 42 -14.24 -4.82 -15.10
N MET B 43 -14.85 -4.02 -15.98
CA MET B 43 -16.30 -3.92 -16.01
C MET B 43 -16.96 -5.27 -16.30
N GLU B 44 -16.37 -6.05 -17.22
CA GLU B 44 -16.87 -7.39 -17.52
C GLU B 44 -16.82 -8.27 -16.27
N GLU B 45 -15.76 -8.12 -15.48
CA GLU B 45 -15.61 -8.90 -14.26
C GLU B 45 -16.57 -8.44 -13.17
N PHE B 46 -16.93 -7.17 -13.25
CA PHE B 46 -17.74 -6.54 -12.22
C PHE B 46 -19.22 -6.88 -12.33
N ARG B 47 -19.60 -7.51 -13.45
CA ARG B 47 -21.01 -7.71 -13.76
C ARG B 47 -21.62 -8.83 -12.91
N ASN B 48 -20.84 -9.85 -12.60
CA ASN B 48 -21.35 -10.97 -11.80
C ASN B 48 -20.76 -10.97 -10.38
N PHE B 49 -21.55 -10.48 -9.42
CA PHE B 49 -21.08 -10.28 -8.04
C PHE B 49 -20.62 -11.57 -7.36
N SER B 50 -21.47 -12.59 -7.35
CA SER B 50 -21.12 -13.86 -6.70
C SER B 50 -19.82 -14.46 -7.24
N ARG B 51 -19.65 -14.37 -8.55
CA ARG B 51 -18.50 -14.96 -9.23
C ARG B 51 -17.21 -14.23 -8.85
N TYR B 52 -17.27 -12.90 -8.70
CA TYR B 52 -16.06 -12.17 -8.37
C TYR B 52 -15.62 -12.47 -6.94
N ILE B 53 -16.59 -12.61 -6.04
CA ILE B 53 -16.27 -13.03 -4.67
C ILE B 53 -15.59 -14.40 -4.70
N ALA B 54 -16.11 -15.31 -5.51
CA ALA B 54 -15.44 -16.58 -5.70
C ALA B 54 -14.02 -16.36 -6.22
N TYR B 55 -13.84 -15.39 -7.11
CA TYR B 55 -12.49 -15.14 -7.64
C TYR B 55 -11.52 -14.62 -6.59
N ILE B 56 -11.92 -13.58 -5.86
CA ILE B 56 -10.97 -13.03 -4.90
C ILE B 56 -10.68 -14.04 -3.81
N GLU B 57 -11.59 -14.96 -3.53
CA GLU B 57 -11.27 -16.01 -2.55
C GLU B 57 -10.23 -16.97 -3.14
N SER B 58 -10.30 -17.24 -4.44
CA SER B 58 -9.30 -18.11 -5.07
C SER B 58 -7.92 -17.46 -4.98
N GLN B 59 -7.90 -16.13 -4.85
CA GLN B 59 -6.68 -15.37 -4.62
C GLN B 59 -6.25 -15.30 -3.15
N GLY B 60 -7.05 -15.87 -2.24
CA GLY B 60 -6.72 -15.87 -0.83
C GLY B 60 -7.24 -14.69 -0.03
N ALA B 61 -8.04 -13.84 -0.66
CA ALA B 61 -8.52 -12.61 0.00
C ALA B 61 -9.21 -12.88 1.36
N HIS B 62 -9.86 -14.02 1.50
CA HIS B 62 -10.66 -14.30 2.68
C HIS B 62 -9.84 -14.53 3.93
N ARG B 63 -8.55 -14.80 3.77
CA ARG B 63 -7.73 -15.16 4.92
C ARG B 63 -7.49 -14.01 5.86
N ALA B 64 -7.47 -12.80 5.32
CA ALA B 64 -7.33 -11.58 6.11
C ALA B 64 -8.61 -11.27 6.88
N GLY B 65 -9.73 -11.78 6.38
CA GLY B 65 -11.03 -11.48 6.94
C GLY B 65 -11.64 -10.21 6.37
N LEU B 66 -10.87 -9.49 5.55
CA LEU B 66 -11.30 -8.19 5.01
C LEU B 66 -10.58 -7.94 3.69
N ALA B 67 -11.31 -7.43 2.68
CA ALA B 67 -10.74 -7.16 1.36
C ALA B 67 -11.33 -5.89 0.75
N LYS B 68 -10.52 -5.15 0.00
CA LYS B 68 -11.03 -3.97 -0.68
C LYS B 68 -11.24 -4.30 -2.15
N VAL B 69 -12.32 -3.78 -2.72
CA VAL B 69 -12.58 -3.88 -4.15
C VAL B 69 -12.83 -2.49 -4.70
N VAL B 70 -12.03 -2.07 -5.67
CA VAL B 70 -12.17 -0.76 -6.33
C VAL B 70 -12.90 -0.98 -7.64
N PRO B 71 -14.08 -0.37 -7.76
CA PRO B 71 -14.93 -0.59 -8.95
C PRO B 71 -14.34 0.10 -10.19
N PRO B 72 -14.68 -0.40 -11.39
CA PRO B 72 -14.25 0.23 -12.65
C PRO B 72 -14.57 1.72 -12.65
N LYS B 73 -13.73 2.52 -13.32
CA LYS B 73 -13.94 3.96 -13.40
C LYS B 73 -15.30 4.31 -14.00
N GLU B 74 -15.79 3.44 -14.89
CA GLU B 74 -17.03 3.68 -15.65
C GLU B 74 -18.30 3.44 -14.81
N TRP B 75 -18.14 2.87 -13.62
CA TRP B 75 -19.28 2.49 -12.82
C TRP B 75 -19.64 3.56 -11.78
N LYS B 76 -20.93 3.85 -11.65
CA LYS B 76 -21.43 4.80 -10.66
C LYS B 76 -22.81 4.35 -10.20
N PRO B 77 -23.03 4.27 -8.88
CA PRO B 77 -24.28 3.72 -8.34
C PRO B 77 -25.46 4.69 -8.45
N ARG B 78 -25.13 5.97 -8.52
CA ARG B 78 -26.09 7.04 -8.48
C ARG B 78 -25.49 8.26 -9.19
N ALA B 79 -26.31 8.98 -9.94
CA ALA B 79 -25.79 10.09 -10.75
C ALA B 79 -25.26 11.24 -9.89
N SER B 80 -26.00 11.59 -8.84
CA SER B 80 -25.66 12.72 -7.97
C SER B 80 -26.25 12.52 -6.58
N TYR B 81 -25.59 13.08 -5.55
CA TYR B 81 -26.02 12.92 -4.17
C TYR B 81 -26.57 14.22 -3.59
N ASP B 82 -27.02 15.10 -4.45
CA ASP B 82 -27.42 16.42 -3.97
C ASP B 82 -28.93 16.48 -3.68
N ASP B 83 -29.63 15.39 -3.97
CA ASP B 83 -31.07 15.31 -3.75
C ASP B 83 -31.45 14.46 -2.52
N ILE B 84 -30.57 14.38 -1.52
CA ILE B 84 -30.87 13.58 -0.35
C ILE B 84 -30.78 14.36 0.94
N ASP B 85 -30.67 15.68 0.89
CA ASP B 85 -30.62 16.44 2.14
C ASP B 85 -31.91 16.40 2.95
N ASP B 86 -32.98 15.89 2.35
CA ASP B 86 -34.26 15.72 3.05
C ASP B 86 -34.39 14.34 3.70
N LEU B 87 -33.47 13.44 3.38
CA LEU B 87 -33.46 12.11 3.95
C LEU B 87 -33.43 12.21 5.48
N VAL B 88 -34.29 11.40 6.12
CA VAL B 88 -34.39 11.41 7.58
C VAL B 88 -33.52 10.32 8.19
N ILE B 89 -32.71 10.70 9.17
CA ILE B 89 -32.02 9.70 9.98
C ILE B 89 -32.88 9.46 11.23
N PRO B 90 -33.64 8.36 11.24
CA PRO B 90 -34.65 8.16 12.29
C PRO B 90 -34.07 8.09 13.71
N ALA B 91 -32.99 7.33 13.87
CA ALA B 91 -32.43 7.09 15.21
C ALA B 91 -30.93 7.37 15.31
N PRO B 92 -30.54 8.65 15.25
CA PRO B 92 -29.14 9.04 15.45
C PRO B 92 -28.62 8.57 16.80
N ILE B 93 -27.34 8.21 16.87
CA ILE B 93 -26.73 7.62 18.06
C ILE B 93 -25.59 8.49 18.58
N GLN B 94 -25.64 8.96 19.82
CA GLN B 94 -24.44 9.56 20.40
C GLN B 94 -23.55 8.44 20.96
N GLN B 95 -22.26 8.50 20.66
CA GLN B 95 -21.33 7.44 21.05
C GLN B 95 -20.45 7.85 22.23
N LEU B 96 -20.92 7.47 23.41
CA LEU B 96 -20.20 7.63 24.66
C LEU B 96 -19.25 6.46 24.86
N VAL B 97 -18.02 6.76 25.24
CA VAL B 97 -16.98 5.74 25.38
C VAL B 97 -16.29 5.94 26.71
N THR B 98 -16.15 4.85 27.45
CA THR B 98 -15.41 4.84 28.69
C THR B 98 -14.28 3.80 28.61
N GLY B 99 -13.12 4.10 29.21
CA GLY B 99 -12.03 3.15 29.23
C GLY B 99 -10.65 3.76 29.33
N GLN B 100 -9.64 2.90 29.27
CA GLN B 100 -8.25 3.32 29.33
C GLN B 100 -7.33 2.19 28.84
N SER B 101 -6.07 2.52 28.62
CA SER B 101 -5.04 1.53 28.23
C SER B 101 -5.47 0.71 27.02
N GLY B 102 -6.04 1.37 26.02
CA GLY B 102 -6.45 0.70 24.79
C GLY B 102 -7.70 -0.16 24.86
N LEU B 103 -8.40 -0.16 25.99
CA LEU B 103 -9.60 -0.99 26.13
C LEU B 103 -10.79 -0.15 26.51
N PHE B 104 -11.87 -0.23 25.74
CA PHE B 104 -12.97 0.69 25.93
C PHE B 104 -14.32 0.03 25.76
N THR B 105 -15.32 0.61 26.42
CA THR B 105 -16.70 0.21 26.19
C THR B 105 -17.47 1.41 25.66
N GLN B 106 -18.24 1.13 24.62
CA GLN B 106 -19.00 2.15 23.90
C GLN B 106 -20.49 2.01 24.17
N TYR B 107 -21.07 3.04 24.76
CA TYR B 107 -22.50 3.09 25.02
C TYR B 107 -23.21 3.97 23.98
N ASN B 108 -24.18 3.38 23.29
CA ASN B 108 -24.82 4.04 22.15
C ASN B 108 -26.18 4.63 22.51
N ILE B 109 -26.21 5.94 22.81
CA ILE B 109 -27.45 6.66 23.17
C ILE B 109 -28.28 7.21 22.01
N GLN B 110 -29.52 6.74 21.89
CA GLN B 110 -30.41 7.22 20.85
C GLN B 110 -30.80 8.70 21.06
N LYS B 111 -30.67 9.48 19.99
CA LYS B 111 -31.10 10.89 19.99
C LYS B 111 -32.30 11.12 19.07
N LYS B 112 -32.83 12.35 19.09
CA LYS B 112 -34.00 12.69 18.25
C LYS B 112 -33.69 12.49 16.78
N ALA B 113 -34.68 12.12 15.99
CA ALA B 113 -34.50 12.02 14.54
C ALA B 113 -33.97 13.33 13.95
N MET B 114 -33.30 13.24 12.81
CA MET B 114 -32.83 14.45 12.14
C MET B 114 -32.60 14.14 10.66
N THR B 115 -32.42 15.20 9.87
CA THR B 115 -32.22 15.04 8.45
C THR B 115 -30.73 14.99 8.13
N VAL B 116 -30.38 14.43 6.98
CA VAL B 116 -29.00 14.42 6.51
C VAL B 116 -28.42 15.82 6.53
N ARG B 117 -29.21 16.78 6.04
CA ARG B 117 -28.83 18.18 6.03
C ARG B 117 -28.37 18.63 7.42
N GLU B 118 -29.18 18.33 8.43
CA GLU B 118 -28.87 18.68 9.82
C GLU B 118 -27.65 17.94 10.38
N PHE B 119 -27.54 16.66 10.04
CA PHE B 119 -26.40 15.86 10.47
C PHE B 119 -25.11 16.44 9.88
N ARG B 120 -25.10 16.62 8.56
CA ARG B 120 -23.92 17.17 7.88
C ARG B 120 -23.46 18.47 8.50
N LYS B 121 -24.42 19.34 8.82
CA LYS B 121 -24.07 20.63 9.41
C LYS B 121 -23.39 20.44 10.77
N ILE B 122 -23.89 19.49 11.56
CA ILE B 122 -23.24 19.18 12.84
C ILE B 122 -21.85 18.58 12.61
N ALA B 123 -21.79 17.66 11.65
CA ALA B 123 -20.55 16.95 11.35
C ALA B 123 -19.44 17.90 10.94
N ASN B 124 -19.80 18.92 10.14
CA ASN B 124 -18.79 19.78 9.54
C ASN B 124 -18.51 20.99 10.42
N SER B 125 -19.26 21.11 11.52
CA SER B 125 -19.04 22.21 12.46
C SER B 125 -17.68 22.09 13.12
N ASP B 126 -17.21 23.18 13.73
CA ASP B 126 -15.85 23.20 14.26
C ASP B 126 -15.70 22.25 15.44
N LYS B 127 -16.78 22.09 16.20
CA LYS B 127 -16.76 21.23 17.38
C LYS B 127 -16.50 19.76 17.03
N TYR B 128 -17.05 19.31 15.90
CA TYR B 128 -17.04 17.89 15.52
C TYR B 128 -16.27 17.53 14.25
N CYS B 129 -15.69 18.51 13.55
CA CYS B 129 -15.06 18.18 12.27
C CYS B 129 -13.68 17.54 12.48
N THR B 130 -13.20 16.85 11.44
CA THR B 130 -11.88 16.22 11.43
C THR B 130 -10.82 17.19 11.90
N PRO B 131 -9.92 16.74 12.79
CA PRO B 131 -8.77 17.59 13.17
C PRO B 131 -7.73 17.73 12.06
N ARG B 132 -6.75 18.61 12.28
CA ARG B 132 -5.68 18.81 11.31
C ARG B 132 -4.76 17.60 11.36
N TYR B 133 -4.31 17.15 10.18
CA TYR B 133 -3.39 16.01 10.15
C TYR B 133 -2.69 15.88 8.80
N SER B 134 -1.50 15.28 8.83
CA SER B 134 -0.66 15.12 7.63
C SER B 134 -0.70 13.71 7.02
N GLU B 135 -0.75 12.70 7.88
CA GLU B 135 -0.77 11.29 7.47
C GLU B 135 -1.83 10.53 8.27
N PHE B 136 -2.31 9.42 7.71
N PHE B 136 -2.31 9.41 7.73
CA PHE B 136 -3.28 8.56 8.41
CA PHE B 136 -3.31 8.62 8.41
C PHE B 136 -2.80 8.29 9.81
C PHE B 136 -2.84 8.13 9.78
N GLU B 137 -1.53 7.92 9.94
CA GLU B 137 -0.97 7.54 11.22
C GLU B 137 -1.19 8.58 12.28
N GLU B 138 -1.19 9.84 11.88
CA GLU B 138 -1.41 10.90 12.85
C GLU B 138 -2.88 10.97 13.23
N LEU B 139 -3.77 10.81 12.25
CA LEU B 139 -5.20 10.79 12.54
C LEU B 139 -5.53 9.62 13.45
N GLU B 140 -4.92 8.48 13.16
CA GLU B 140 -5.10 7.27 13.93
C GLU B 140 -4.71 7.48 15.40
N ARG B 141 -3.58 8.14 15.64
CA ARG B 141 -3.18 8.46 17.02
C ARG B 141 -4.18 9.41 17.64
N LYS B 142 -4.70 10.36 16.86
CA LYS B 142 -5.66 11.31 17.43
C LYS B 142 -6.97 10.61 17.78
N TYR B 143 -7.43 9.70 16.92
CA TYR B 143 -8.60 8.86 17.26
C TYR B 143 -8.44 8.14 18.61
N TRP B 144 -7.35 7.39 18.80
CA TRP B 144 -7.17 6.55 19.99
C TRP B 144 -6.82 7.38 21.21
N LYS B 145 -6.41 8.62 21.00
CA LYS B 145 -6.08 9.51 22.10
C LYS B 145 -7.32 10.24 22.62
N ASN B 146 -8.27 10.52 21.74
CA ASN B 146 -9.43 11.34 22.09
C ASN B 146 -10.78 10.65 21.97
N LEU B 147 -10.72 9.34 21.84
N LEU B 147 -10.82 9.34 21.77
CA LEU B 147 -11.87 8.46 21.68
CA LEU B 147 -12.13 8.73 21.52
C LEU B 147 -12.98 8.71 22.69
C LEU B 147 -13.09 8.77 22.71
N THR B 148 -12.59 8.97 23.93
CA THR B 148 -13.52 9.11 25.03
C THR B 148 -13.93 10.56 25.29
N PHE B 149 -13.45 11.51 24.47
CA PHE B 149 -13.79 12.94 24.61
C PHE B 149 -14.76 13.40 23.52
N ASN B 150 -15.64 14.32 23.90
CA ASN B 150 -16.53 14.98 22.96
C ASN B 150 -17.32 13.96 22.11
N PRO B 151 -18.24 13.23 22.73
CA PRO B 151 -18.94 12.14 22.03
C PRO B 151 -19.62 12.55 20.72
N PRO B 152 -19.30 11.83 19.65
CA PRO B 152 -19.87 12.17 18.35
C PRO B 152 -21.24 11.55 18.15
N ILE B 153 -21.85 11.88 17.02
CA ILE B 153 -23.14 11.32 16.68
C ILE B 153 -22.97 10.48 15.43
N TYR B 154 -23.51 9.28 15.44
CA TYR B 154 -23.43 8.39 14.29
C TYR B 154 -24.82 8.17 13.71
N GLY B 155 -25.01 8.58 12.46
CA GLY B 155 -26.28 8.38 11.79
C GLY B 155 -26.39 6.98 11.25
N ALA B 156 -26.50 6.01 12.16
CA ALA B 156 -26.34 4.60 11.81
C ALA B 156 -27.64 3.85 11.54
N ASP B 157 -27.51 2.72 10.85
CA ASP B 157 -28.61 1.77 10.69
C ASP B 157 -29.87 2.36 10.05
N VAL B 158 -29.70 3.26 9.08
CA VAL B 158 -30.86 3.82 8.38
C VAL B 158 -31.28 2.89 7.27
N ASN B 159 -32.49 2.34 7.36
CA ASN B 159 -33.04 1.54 6.26
C ASN B 159 -33.09 2.35 4.99
N GLY B 160 -32.56 1.80 3.90
CA GLY B 160 -32.52 2.54 2.65
C GLY B 160 -31.34 2.23 1.79
N THR B 161 -31.42 2.65 0.53
CA THR B 161 -30.35 2.51 -0.44
C THR B 161 -30.17 3.84 -1.14
N LEU B 162 -28.96 4.14 -1.61
CA LEU B 162 -28.76 5.33 -2.43
C LEU B 162 -28.54 4.95 -3.87
N TYR B 163 -28.62 3.65 -4.16
CA TYR B 163 -28.48 3.18 -5.53
C TYR B 163 -29.70 3.61 -6.33
N GLU B 164 -29.53 3.77 -7.64
CA GLU B 164 -30.67 4.00 -8.50
C GLU B 164 -31.19 2.64 -8.96
N LYS B 165 -32.49 2.57 -9.27
CA LYS B 165 -33.15 1.29 -9.51
C LYS B 165 -32.53 0.54 -10.68
N HIS B 166 -31.90 1.27 -11.60
CA HIS B 166 -31.42 0.67 -12.83
C HIS B 166 -30.04 0.02 -12.72
N VAL B 167 -29.30 0.33 -11.65
CA VAL B 167 -27.93 -0.17 -11.48
C VAL B 167 -27.95 -1.65 -11.14
N ASP B 168 -27.39 -2.48 -12.02
CA ASP B 168 -27.45 -3.93 -11.85
C ASP B 168 -26.15 -4.57 -11.37
N GLU B 169 -25.09 -3.78 -11.25
CA GLU B 169 -23.81 -4.34 -10.81
C GLU B 169 -23.58 -4.00 -9.35
N TRP B 170 -23.33 -5.04 -8.56
CA TRP B 170 -23.01 -4.86 -7.15
C TRP B 170 -24.05 -3.99 -6.43
N ASN B 171 -25.33 -4.24 -6.74
CA ASN B 171 -26.39 -3.50 -6.09
C ASN B 171 -26.65 -4.11 -4.73
N ILE B 172 -26.33 -3.35 -3.69
CA ILE B 172 -26.40 -3.84 -2.31
C ILE B 172 -27.83 -4.19 -1.88
N GLY B 173 -28.82 -3.58 -2.55
CA GLY B 173 -30.21 -3.89 -2.28
C GLY B 173 -30.66 -5.26 -2.80
N ARG B 174 -29.95 -5.78 -3.78
CA ARG B 174 -30.33 -7.04 -4.42
C ARG B 174 -29.13 -7.80 -5.00
N LEU B 175 -28.26 -8.32 -4.14
CA LEU B 175 -27.00 -8.91 -4.61
C LEU B 175 -27.21 -10.29 -5.25
N ARG B 176 -28.39 -10.87 -5.00
CA ARG B 176 -28.74 -12.19 -5.51
C ARG B 176 -27.73 -13.26 -5.13
N THR B 177 -27.54 -13.44 -3.82
CA THR B 177 -26.73 -14.55 -3.32
C THR B 177 -27.67 -15.53 -2.62
N ILE B 178 -27.14 -16.67 -2.21
CA ILE B 178 -27.95 -17.70 -1.58
C ILE B 178 -28.57 -17.27 -0.25
N LEU B 179 -28.16 -16.11 0.27
CA LEU B 179 -28.78 -15.60 1.49
C LEU B 179 -30.24 -15.24 1.23
N ASP B 180 -30.57 -15.06 -0.05
CA ASP B 180 -31.93 -14.74 -0.44
C ASP B 180 -32.93 -15.84 -0.11
N LEU B 181 -32.43 -17.07 0.06
CA LEU B 181 -33.25 -18.18 0.56
C LEU B 181 -34.00 -17.82 1.83
N VAL B 182 -33.46 -16.89 2.62
CA VAL B 182 -34.13 -16.49 3.85
C VAL B 182 -35.44 -15.79 3.51
N GLU B 183 -35.46 -15.08 2.39
CA GLU B 183 -36.68 -14.40 1.96
C GLU B 183 -37.44 -15.19 0.89
N LYS B 184 -36.71 -15.86 -0.01
CA LYS B 184 -37.33 -16.60 -1.12
C LYS B 184 -38.11 -17.83 -0.63
N GLU B 185 -37.45 -18.69 0.13
CA GLU B 185 -38.10 -19.87 0.69
C GLU B 185 -38.87 -19.55 1.98
N SER B 186 -38.20 -18.93 2.95
CA SER B 186 -38.78 -18.74 4.28
C SER B 186 -39.62 -17.46 4.41
N GLY B 187 -39.44 -16.50 3.51
CA GLY B 187 -40.25 -15.29 3.50
C GLY B 187 -39.92 -14.29 4.59
N ILE B 188 -38.66 -14.26 5.01
CA ILE B 188 -38.23 -13.43 6.14
C ILE B 188 -37.35 -12.26 5.69
N THR B 189 -37.70 -11.05 6.13
CA THR B 189 -36.86 -9.88 5.89
C THR B 189 -36.20 -9.47 7.21
N ILE B 190 -34.88 -9.32 7.17
CA ILE B 190 -34.12 -8.88 8.34
C ILE B 190 -33.38 -7.58 8.02
N GLU B 191 -33.85 -6.47 8.60
CA GLU B 191 -33.27 -5.14 8.38
C GLU B 191 -31.75 -5.10 8.54
N GLY B 192 -31.08 -4.58 7.53
CA GLY B 192 -29.62 -4.50 7.50
C GLY B 192 -28.93 -5.81 7.14
N VAL B 193 -29.67 -6.91 7.09
CA VAL B 193 -29.05 -8.21 6.90
C VAL B 193 -29.30 -8.75 5.50
N ASN B 194 -30.55 -8.82 5.08
CA ASN B 194 -30.81 -8.99 3.65
C ASN B 194 -31.52 -7.77 3.06
N THR B 195 -31.46 -6.65 3.77
CA THR B 195 -31.86 -5.35 3.23
C THR B 195 -30.77 -4.32 3.54
N PRO B 196 -30.77 -3.19 2.81
CA PRO B 196 -29.63 -2.30 2.98
C PRO B 196 -29.77 -1.32 4.12
N TYR B 197 -28.62 -0.97 4.69
CA TYR B 197 -28.50 0.02 5.76
C TYR B 197 -27.65 1.19 5.26
N LEU B 198 -27.96 2.39 5.71
CA LEU B 198 -27.11 3.53 5.43
C LEU B 198 -26.46 3.95 6.73
N TYR B 199 -25.22 4.43 6.61
CA TYR B 199 -24.47 4.93 7.74
C TYR B 199 -23.91 6.29 7.41
N PHE B 200 -24.39 7.32 8.09
CA PHE B 200 -23.83 8.66 7.92
C PHE B 200 -22.86 8.88 9.04
N GLY B 201 -21.59 8.99 8.72
CA GLY B 201 -20.59 9.17 9.74
C GLY B 201 -20.13 10.59 9.93
N MET B 202 -19.48 10.84 11.07
CA MET B 202 -18.72 12.06 11.25
C MET B 202 -17.42 11.64 11.90
N TRP B 203 -16.50 12.59 12.08
CA TRP B 203 -15.20 12.29 12.65
C TRP B 203 -15.35 11.55 13.98
N LYS B 204 -14.61 10.44 14.11
CA LYS B 204 -14.41 9.76 15.40
C LYS B 204 -15.60 8.87 15.76
N THR B 205 -16.58 8.74 14.88
CA THR B 205 -17.60 7.72 15.07
C THR B 205 -17.00 6.36 14.75
N SER B 206 -17.40 5.34 15.52
CA SER B 206 -16.74 4.02 15.52
C SER B 206 -17.70 2.87 15.29
N PHE B 207 -17.15 1.78 14.76
CA PHE B 207 -17.80 0.49 14.87
C PHE B 207 -16.86 -0.42 15.68
N ALA B 208 -17.43 -1.04 16.72
CA ALA B 208 -16.68 -1.84 17.64
C ALA B 208 -16.30 -3.20 17.01
N TRP B 209 -15.44 -3.95 17.69
CA TRP B 209 -14.99 -5.26 17.20
C TRP B 209 -16.15 -6.21 17.13
N HIS B 210 -16.31 -6.87 15.98
CA HIS B 210 -17.42 -7.81 15.79
C HIS B 210 -17.24 -8.61 14.51
N THR B 211 -17.90 -9.78 14.47
CA THR B 211 -18.19 -10.44 13.22
C THR B 211 -19.64 -10.11 12.83
N GLU B 212 -20.05 -10.45 11.62
CA GLU B 212 -21.44 -10.23 11.22
C GLU B 212 -22.38 -11.21 11.94
N ASP B 213 -23.67 -10.87 11.98
CA ASP B 213 -24.68 -11.79 12.52
C ASP B 213 -24.57 -13.13 11.78
N MET B 214 -24.69 -14.23 12.51
CA MET B 214 -24.60 -15.56 11.93
C MET B 214 -23.29 -15.76 11.19
N ASP B 215 -22.29 -14.97 11.54
CA ASP B 215 -20.97 -14.94 10.88
C ASP B 215 -21.04 -14.91 9.34
N LEU B 216 -21.97 -14.11 8.84
CA LEU B 216 -22.12 -13.88 7.40
C LEU B 216 -20.98 -13.05 6.78
N TYR B 217 -21.00 -12.94 5.47
CA TYR B 217 -20.19 -11.91 4.79
C TYR B 217 -20.89 -10.60 4.98
N SER B 218 -20.17 -9.50 4.74
CA SER B 218 -20.83 -8.21 4.52
C SER B 218 -20.16 -7.47 3.39
N ILE B 219 -20.88 -6.51 2.84
CA ILE B 219 -20.35 -5.65 1.79
C ILE B 219 -20.60 -4.25 2.30
N ASN B 220 -19.64 -3.36 2.09
CA ASN B 220 -19.79 -1.98 2.51
C ASN B 220 -19.29 -1.06 1.40
N TYR B 221 -20.13 -0.13 0.94
CA TYR B 221 -19.75 0.83 -0.11
C TYR B 221 -19.75 2.24 0.43
N LEU B 222 -18.64 2.95 0.29
CA LEU B 222 -18.57 4.33 0.77
C LEU B 222 -19.02 5.30 -0.34
N HIS B 223 -20.28 5.75 -0.27
CA HIS B 223 -20.87 6.58 -1.33
C HIS B 223 -20.10 7.88 -1.55
N PHE B 224 -19.83 8.60 -0.47
CA PHE B 224 -19.17 9.87 -0.60
C PHE B 224 -18.60 10.29 0.72
N GLY B 225 -17.71 11.27 0.72
CA GLY B 225 -17.27 11.91 1.94
C GLY B 225 -15.88 11.49 2.35
N GLU B 226 -15.49 11.82 3.59
CA GLU B 226 -14.20 11.48 4.15
C GLU B 226 -14.05 9.96 4.35
N PRO B 227 -12.82 9.47 4.55
CA PRO B 227 -12.63 8.01 4.53
C PRO B 227 -13.15 7.28 5.79
N LYS B 228 -13.18 5.95 5.68
CA LYS B 228 -13.48 5.07 6.80
C LYS B 228 -12.27 4.13 7.00
N SER B 229 -11.68 4.11 8.18
CA SER B 229 -10.52 3.25 8.40
C SER B 229 -10.91 1.99 9.16
N TRP B 230 -10.33 0.88 8.74
CA TRP B 230 -10.70 -0.45 9.20
C TRP B 230 -9.53 -1.19 9.86
N TYR B 231 -9.82 -1.95 10.90
CA TYR B 231 -8.93 -2.99 11.45
C TYR B 231 -9.54 -4.35 11.21
N SER B 232 -8.70 -5.35 10.98
CA SER B 232 -9.16 -6.69 10.72
C SER B 232 -8.32 -7.73 11.45
N VAL B 233 -8.94 -8.79 11.97
CA VAL B 233 -8.18 -9.93 12.50
C VAL B 233 -8.48 -11.15 11.62
N PRO B 234 -7.45 -11.87 11.18
CA PRO B 234 -7.75 -13.03 10.33
C PRO B 234 -8.69 -14.01 11.01
N PRO B 235 -9.66 -14.55 10.26
CA PRO B 235 -10.57 -15.56 10.80
C PRO B 235 -9.79 -16.67 11.51
N GLU B 236 -8.64 -17.07 10.99
CA GLU B 236 -7.90 -18.16 11.63
C GLU B 236 -7.30 -17.75 12.98
N HIS B 237 -7.29 -16.45 13.30
CA HIS B 237 -6.86 -16.01 14.62
C HIS B 237 -7.99 -15.37 15.42
N GLY B 238 -9.22 -15.46 14.93
CA GLY B 238 -10.36 -14.88 15.62
C GLY B 238 -10.54 -15.34 17.06
N LYS B 239 -10.33 -16.63 17.32
CA LYS B 239 -10.50 -17.14 18.69
C LYS B 239 -9.56 -16.48 19.69
N ARG B 240 -8.37 -16.12 19.22
CA ARG B 240 -7.40 -15.41 20.03
C ARG B 240 -7.95 -14.06 20.49
N LEU B 241 -8.58 -13.35 19.56
CA LEU B 241 -9.21 -12.09 19.92
C LEU B 241 -10.26 -12.31 21.00
N GLU B 242 -11.09 -13.34 20.81
CA GLU B 242 -12.17 -13.64 21.76
C GLU B 242 -11.60 -13.95 23.14
N ARG B 243 -10.52 -14.71 23.18
CA ARG B 243 -9.88 -15.05 24.46
C ARG B 243 -9.36 -13.80 25.17
N LEU B 244 -8.74 -12.92 24.39
CA LEU B 244 -8.28 -11.63 24.93
C LEU B 244 -9.48 -10.85 25.50
N ALA B 245 -10.55 -10.74 24.71
CA ALA B 245 -11.72 -9.99 25.14
C ALA B 245 -12.33 -10.56 26.41
N LYS B 246 -12.51 -11.88 26.45
CA LYS B 246 -13.03 -12.57 27.63
C LYS B 246 -12.13 -12.34 28.83
N GLY B 247 -10.81 -12.34 28.62
CA GLY B 247 -9.85 -12.06 29.68
C GLY B 247 -10.11 -10.71 30.35
N PHE B 248 -10.30 -9.68 29.54
CA PHE B 248 -10.49 -8.33 30.04
C PHE B 248 -11.90 -8.04 30.55
N PHE B 249 -12.91 -8.72 30.01
CA PHE B 249 -14.28 -8.46 30.45
C PHE B 249 -14.94 -9.72 30.98
N PRO B 250 -14.43 -10.24 32.11
CA PRO B 250 -14.91 -11.53 32.62
C PRO B 250 -16.38 -11.50 33.05
N GLY B 251 -16.85 -10.36 33.53
CA GLY B 251 -18.24 -10.23 33.88
C GLY B 251 -19.13 -10.34 32.66
N SER B 252 -18.73 -9.64 31.59
CA SER B 252 -19.47 -9.70 30.32
C SER B 252 -19.49 -11.12 29.77
N ALA B 253 -18.34 -11.80 29.83
CA ALA B 253 -18.22 -13.17 29.35
C ALA B 253 -19.17 -14.12 30.06
N GLN B 254 -19.38 -13.91 31.36
CA GLN B 254 -20.30 -14.78 32.11
C GLN B 254 -21.75 -14.49 31.73
N SER B 255 -22.07 -13.23 31.48
CA SER B 255 -23.45 -12.86 31.17
C SER B 255 -23.88 -13.26 29.77
N CYS B 256 -22.93 -13.46 28.87
CA CYS B 256 -23.30 -13.78 27.49
C CYS B 256 -22.26 -14.63 26.78
N GLU B 257 -22.73 -15.60 26.01
CA GLU B 257 -21.86 -16.51 25.26
C GLU B 257 -21.06 -15.82 24.14
N ALA B 258 -21.57 -14.69 23.64
CA ALA B 258 -20.91 -13.95 22.57
C ALA B 258 -21.06 -12.44 22.76
N PHE B 259 -20.50 -11.92 23.85
CA PHE B 259 -20.75 -10.52 24.20
C PHE B 259 -20.16 -9.52 23.21
N LEU B 260 -19.22 -9.94 22.37
CA LEU B 260 -18.69 -9.03 21.32
C LEU B 260 -19.77 -8.68 20.31
N ARG B 261 -20.81 -9.51 20.21
CA ARG B 261 -21.93 -9.23 19.28
C ARG B 261 -22.76 -8.03 19.74
N HIS B 262 -22.58 -7.61 20.99
CA HIS B 262 -23.21 -6.39 21.48
C HIS B 262 -22.63 -5.15 20.77
N LYS B 263 -21.44 -5.32 20.19
CA LYS B 263 -20.76 -4.24 19.45
C LYS B 263 -20.54 -3.03 20.31
N MET B 264 -20.01 -3.25 21.50
CA MET B 264 -19.72 -2.17 22.43
C MET B 264 -18.25 -2.11 22.79
N THR B 265 -17.47 -3.07 22.28
CA THR B 265 -16.11 -3.27 22.75
C THR B 265 -15.05 -2.73 21.78
N LEU B 266 -14.24 -1.80 22.25
CA LEU B 266 -13.19 -1.17 21.44
C LEU B 266 -11.84 -1.57 21.96
N ILE B 267 -10.94 -1.93 21.06
CA ILE B 267 -9.64 -2.40 21.46
C ILE B 267 -8.63 -1.86 20.46
N SER B 268 -7.62 -1.17 20.98
CA SER B 268 -6.65 -0.46 20.14
C SER B 268 -5.63 -1.42 19.52
N PRO B 269 -5.10 -1.04 18.35
CA PRO B 269 -4.05 -1.82 17.67
C PRO B 269 -2.83 -2.04 18.57
N LEU B 270 -2.53 -1.11 19.47
CA LEU B 270 -1.40 -1.30 20.37
C LEU B 270 -1.69 -2.40 21.39
N MET B 271 -2.95 -2.53 21.83
CA MET B 271 -3.30 -3.68 22.68
C MET B 271 -3.19 -4.97 21.89
N LEU B 272 -3.68 -5.01 20.66
CA LEU B 272 -3.59 -6.22 19.84
C LEU B 272 -2.14 -6.65 19.63
N LYS B 273 -1.28 -5.66 19.41
CA LYS B 273 0.14 -5.90 19.18
C LYS B 273 0.79 -6.47 20.45
N LYS B 274 0.46 -5.86 21.59
CA LYS B 274 1.00 -6.27 22.88
C LYS B 274 0.76 -7.73 23.20
N TYR B 275 -0.45 -8.20 22.92
CA TYR B 275 -0.84 -9.55 23.29
C TYR B 275 -0.67 -10.51 22.12
N GLY B 276 0.05 -10.04 21.10
CA GLY B 276 0.38 -10.86 19.94
C GLY B 276 -0.76 -11.33 19.06
N ILE B 277 -1.87 -10.59 19.01
CA ILE B 277 -2.94 -10.90 18.05
C ILE B 277 -2.58 -10.34 16.66
N PRO B 278 -2.51 -11.21 15.64
CA PRO B 278 -2.29 -10.69 14.29
C PRO B 278 -3.45 -9.83 13.82
N PHE B 279 -3.14 -8.71 13.14
CA PHE B 279 -4.20 -7.89 12.57
C PHE B 279 -3.65 -7.10 11.41
N ASP B 280 -4.54 -6.46 10.65
CA ASP B 280 -4.11 -5.58 9.58
C ASP B 280 -4.99 -4.31 9.60
N LYS B 281 -4.55 -3.25 8.92
CA LYS B 281 -5.27 -1.95 8.79
C LYS B 281 -5.49 -1.63 7.34
N VAL B 282 -6.58 -0.95 7.04
CA VAL B 282 -6.80 -0.48 5.69
C VAL B 282 -7.72 0.73 5.75
N THR B 283 -7.50 1.67 4.84
CA THR B 283 -8.38 2.81 4.76
C THR B 283 -9.20 2.78 3.48
N GLN B 284 -10.51 2.90 3.65
CA GLN B 284 -11.47 2.83 2.56
C GLN B 284 -11.77 4.26 2.11
N GLU B 285 -11.61 4.54 0.82
CA GLU B 285 -11.92 5.88 0.29
C GLU B 285 -13.26 5.92 -0.43
N ALA B 286 -13.81 7.12 -0.63
CA ALA B 286 -15.10 7.27 -1.32
C ALA B 286 -15.08 6.50 -2.64
N GLY B 287 -16.12 5.73 -2.89
CA GLY B 287 -16.25 5.02 -4.14
C GLY B 287 -15.67 3.63 -4.07
N GLU B 288 -15.27 3.19 -2.89
CA GLU B 288 -14.63 1.89 -2.76
C GLU B 288 -15.47 0.93 -1.91
N PHE B 289 -15.43 -0.35 -2.28
CA PHE B 289 -16.08 -1.42 -1.51
C PHE B 289 -15.13 -2.06 -0.52
N MET B 290 -15.64 -2.36 0.66
CA MET B 290 -15.00 -3.32 1.56
C MET B 290 -15.89 -4.55 1.72
N ILE B 291 -15.26 -5.72 1.66
CA ILE B 291 -15.91 -7.00 1.88
C ILE B 291 -15.38 -7.58 3.19
N THR B 292 -16.26 -8.01 4.10
CA THR B 292 -15.80 -8.77 5.24
C THR B 292 -16.21 -10.22 5.01
N PHE B 293 -15.43 -11.16 5.55
CA PHE B 293 -15.63 -12.58 5.32
C PHE B 293 -16.09 -13.27 6.61
N PRO B 294 -16.69 -14.47 6.47
CA PRO B 294 -17.21 -15.15 7.67
C PRO B 294 -16.17 -15.28 8.77
N TYR B 295 -16.58 -14.85 9.96
CA TYR B 295 -15.77 -14.91 11.17
C TYR B 295 -14.55 -14.01 11.06
N GLY B 296 -14.66 -12.97 10.24
CA GLY B 296 -13.62 -11.97 10.17
C GLY B 296 -13.95 -10.84 11.13
N TYR B 297 -13.26 -10.78 12.26
CA TYR B 297 -13.46 -9.67 13.19
C TYR B 297 -12.97 -8.37 12.57
N HIS B 298 -13.75 -7.30 12.74
CA HIS B 298 -13.31 -6.00 12.27
C HIS B 298 -13.85 -4.92 13.17
N ALA B 299 -13.17 -3.78 13.11
CA ALA B 299 -13.52 -2.59 13.84
C ALA B 299 -12.97 -1.43 13.06
N GLY B 300 -13.37 -0.21 13.41
CA GLY B 300 -12.80 0.94 12.75
C GLY B 300 -13.44 2.26 13.14
N PHE B 301 -13.22 3.29 12.31
CA PHE B 301 -13.73 4.61 12.61
C PHE B 301 -13.79 5.51 11.35
N ASN B 302 -14.62 6.55 11.40
CA ASN B 302 -14.79 7.45 10.26
C ASN B 302 -13.94 8.69 10.42
N HIS B 303 -13.33 9.10 9.32
CA HIS B 303 -12.43 10.27 9.37
C HIS B 303 -13.20 11.58 9.45
N GLY B 304 -14.39 11.62 8.86
CA GLY B 304 -15.17 12.84 8.81
C GLY B 304 -16.51 12.53 8.21
N PHE B 305 -17.21 13.55 7.69
CA PHE B 305 -18.57 13.36 7.22
C PHE B 305 -18.57 12.43 6.02
N ASN B 306 -19.37 11.36 6.09
CA ASN B 306 -19.45 10.43 4.97
C ASN B 306 -20.72 9.61 5.00
N CYS B 307 -20.90 8.81 3.98
CA CYS B 307 -22.06 7.96 3.90
C CYS B 307 -21.68 6.65 3.28
N ALA B 308 -22.10 5.57 3.95
CA ALA B 308 -21.80 4.21 3.53
C ALA B 308 -23.06 3.37 3.52
N GLU B 309 -23.12 2.42 2.60
CA GLU B 309 -24.26 1.53 2.49
C GLU B 309 -23.76 0.13 2.63
N SER B 310 -24.53 -0.71 3.34
CA SER B 310 -24.09 -2.09 3.54
C SER B 310 -25.22 -3.07 3.77
N THR B 311 -24.89 -4.34 3.57
CA THR B 311 -25.80 -5.44 3.89
C THR B 311 -24.96 -6.71 4.04
N ASN B 312 -25.61 -7.80 4.40
CA ASN B 312 -24.95 -9.08 4.48
C ASN B 312 -25.24 -9.88 3.23
N PHE B 313 -24.45 -10.92 3.02
CA PHE B 313 -24.67 -11.84 1.92
C PHE B 313 -23.97 -13.13 2.24
N ALA B 314 -24.12 -14.12 1.38
CA ALA B 314 -23.55 -15.42 1.69
C ALA B 314 -23.04 -16.09 0.44
N THR B 315 -22.17 -17.07 0.64
CA THR B 315 -21.77 -18.01 -0.39
C THR B 315 -21.97 -19.40 0.19
N ARG B 316 -21.65 -20.44 -0.58
N ARG B 316 -21.63 -20.44 -0.55
CA ARG B 316 -21.80 -21.82 -0.11
CA ARG B 316 -21.86 -21.81 -0.08
C ARG B 316 -20.95 -22.07 1.13
C ARG B 316 -20.89 -22.17 1.07
N ARG B 317 -19.75 -21.49 1.13
CA ARG B 317 -18.79 -21.66 2.22
C ARG B 317 -19.34 -21.16 3.56
N TRP B 318 -20.17 -20.11 3.51
CA TRP B 318 -20.75 -19.54 4.73
C TRP B 318 -21.62 -20.53 5.52
N ILE B 319 -22.24 -21.47 4.82
CA ILE B 319 -23.24 -22.33 5.46
C ILE B 319 -22.71 -23.02 6.70
N GLU B 320 -21.50 -23.54 6.62
CA GLU B 320 -20.92 -24.21 7.76
C GLU B 320 -20.65 -23.21 8.90
N TYR B 321 -20.24 -21.99 8.56
CA TYR B 321 -20.05 -20.96 9.59
C TYR B 321 -21.38 -20.63 10.26
N GLY B 322 -22.42 -20.50 9.45
CA GLY B 322 -23.76 -20.31 9.97
C GLY B 322 -24.17 -21.39 10.96
N LYS B 323 -23.88 -22.64 10.61
CA LYS B 323 -24.19 -23.79 11.46
C LYS B 323 -23.45 -23.75 12.80
N GLN B 324 -22.26 -23.16 12.80
CA GLN B 324 -21.43 -23.19 14.00
C GLN B 324 -21.36 -21.85 14.74
N ALA B 325 -22.08 -20.83 14.26
CA ALA B 325 -21.96 -19.50 14.86
C ALA B 325 -22.44 -19.54 16.29
N VAL B 326 -21.70 -18.87 17.18
CA VAL B 326 -22.06 -18.75 18.59
C VAL B 326 -22.78 -17.43 18.77
N LEU B 327 -24.04 -17.48 19.23
CA LEU B 327 -24.88 -16.28 19.21
C LEU B 327 -25.02 -15.62 20.58
N CYS B 328 -25.48 -14.37 20.60
CA CYS B 328 -25.76 -13.69 21.85
C CYS B 328 -26.79 -14.49 22.65
N SER B 329 -26.46 -14.80 23.90
CA SER B 329 -27.38 -15.57 24.74
C SER B 329 -28.15 -14.71 25.74
N CYS B 330 -28.02 -13.38 25.68
CA CYS B 330 -28.61 -12.54 26.73
C CYS B 330 -29.71 -11.58 26.24
N ARG B 331 -29.99 -11.59 24.94
CA ARG B 331 -30.99 -10.70 24.36
C ARG B 331 -31.93 -11.47 23.42
N LYS B 332 -33.21 -11.10 23.42
CA LYS B 332 -34.21 -11.81 22.62
C LYS B 332 -34.33 -11.22 21.22
N ASP B 333 -34.07 -9.93 21.09
CA ASP B 333 -34.26 -9.25 19.82
C ASP B 333 -33.10 -9.47 18.83
N MET B 334 -32.12 -10.31 19.20
CA MET B 334 -30.94 -10.43 18.36
C MET B 334 -31.17 -11.38 17.18
N VAL B 335 -30.27 -11.32 16.20
CA VAL B 335 -30.45 -11.98 14.91
C VAL B 335 -30.07 -13.46 14.92
N LYS B 336 -31.05 -14.30 14.58
CA LYS B 336 -30.85 -15.73 14.46
C LYS B 336 -31.51 -16.18 13.17
N ILE B 337 -30.75 -16.88 12.34
CA ILE B 337 -31.27 -17.39 11.08
C ILE B 337 -31.34 -18.89 11.18
N SER B 338 -32.52 -19.46 10.94
CA SER B 338 -32.66 -20.91 10.88
C SER B 338 -31.81 -21.48 9.76
N MET B 339 -30.87 -22.36 10.09
CA MET B 339 -29.96 -22.90 9.09
C MET B 339 -30.57 -24.05 8.29
N ASP B 340 -31.71 -24.53 8.76
CA ASP B 340 -32.31 -25.77 8.27
C ASP B 340 -32.46 -25.80 6.75
N VAL B 341 -33.09 -24.78 6.21
CA VAL B 341 -33.29 -24.66 4.77
C VAL B 341 -31.96 -24.71 3.99
N PHE B 342 -30.89 -24.16 4.56
CA PHE B 342 -29.60 -24.16 3.85
C PHE B 342 -28.99 -25.53 3.83
N VAL B 343 -29.03 -26.20 4.97
CA VAL B 343 -28.49 -27.55 5.07
C VAL B 343 -29.27 -28.47 4.12
N ARG B 344 -30.60 -28.44 4.20
CA ARG B 344 -31.43 -29.29 3.34
C ARG B 344 -31.13 -29.08 1.87
N LYS B 345 -31.00 -27.83 1.45
CA LYS B 345 -30.81 -27.49 0.03
C LYS B 345 -29.38 -27.66 -0.49
N PHE B 346 -28.36 -27.29 0.31
CA PHE B 346 -26.97 -27.36 -0.17
C PHE B 346 -26.14 -28.49 0.43
N GLN B 347 -26.57 -29.03 1.56
CA GLN B 347 -25.89 -30.18 2.15
C GLN B 347 -26.85 -31.35 2.43
N PRO B 348 -27.58 -31.83 1.39
CA PRO B 348 -28.61 -32.85 1.67
C PRO B 348 -28.05 -34.13 2.25
N GLU B 349 -26.82 -34.48 1.91
CA GLU B 349 -26.25 -35.73 2.40
C GLU B 349 -25.83 -35.62 3.87
N ARG B 350 -25.81 -34.40 4.40
CA ARG B 350 -25.49 -34.22 5.82
C ARG B 350 -26.72 -33.90 6.69
N TYR B 351 -27.86 -33.67 6.06
CA TYR B 351 -29.03 -33.14 6.76
C TYR B 351 -29.42 -34.00 7.95
N LYS B 352 -29.60 -35.29 7.72
CA LYS B 352 -29.98 -36.21 8.78
C LYS B 352 -28.96 -36.21 9.93
N LEU B 353 -27.68 -36.24 9.59
CA LEU B 353 -26.63 -36.25 10.60
C LEU B 353 -26.65 -34.96 11.43
N TRP B 354 -26.65 -33.83 10.74
CA TRP B 354 -26.72 -32.52 11.37
C TRP B 354 -27.92 -32.41 12.30
N LYS B 355 -29.10 -32.75 11.77
CA LYS B 355 -30.34 -32.64 12.55
C LYS B 355 -30.29 -33.53 13.79
N ALA B 356 -29.43 -34.55 13.78
CA ALA B 356 -29.27 -35.42 14.93
C ALA B 356 -28.17 -34.94 15.88
N GLY B 357 -27.49 -33.85 15.51
CA GLY B 357 -26.44 -33.28 16.35
C GLY B 357 -25.11 -34.00 16.28
N LYS B 358 -24.91 -34.76 15.22
CA LYS B 358 -23.68 -35.54 15.08
C LYS B 358 -22.79 -35.04 13.94
N ASP B 359 -23.13 -33.89 13.36
CA ASP B 359 -22.28 -33.27 12.32
C ASP B 359 -21.05 -32.62 12.95
N ASN B 360 -19.90 -33.26 12.80
CA ASN B 360 -18.68 -32.79 13.45
C ASN B 360 -17.66 -32.19 12.48
N THR B 361 -18.17 -31.57 11.42
CA THR B 361 -17.33 -30.86 10.47
C THR B 361 -16.44 -29.81 11.14
N VAL B 362 -15.17 -29.79 10.78
CA VAL B 362 -14.26 -28.79 11.30
C VAL B 362 -13.96 -27.75 10.23
N ILE B 363 -14.19 -26.48 10.57
CA ILE B 363 -13.98 -25.41 9.61
C ILE B 363 -12.48 -25.14 9.41
N ASP B 364 -12.05 -25.16 8.15
CA ASP B 364 -10.70 -24.75 7.77
C ASP B 364 -10.83 -23.37 7.10
N HIS B 365 -10.41 -22.33 7.83
CA HIS B 365 -10.57 -20.93 7.39
C HIS B 365 -9.73 -20.56 6.18
N THR B 366 -8.80 -21.42 5.76
CA THR B 366 -7.95 -21.07 4.62
C THR B 366 -8.57 -21.49 3.28
N LEU B 367 -9.52 -22.41 3.32
CA LEU B 367 -10.16 -22.91 2.10
C LEU B 367 -11.14 -21.93 1.46
N PRO B 368 -10.99 -21.69 0.15
CA PRO B 368 -11.96 -20.83 -0.55
C PRO B 368 -13.33 -21.51 -0.71
N THR B 369 -14.35 -20.72 -0.97
CA THR B 369 -15.68 -21.27 -1.19
C THR B 369 -15.60 -22.16 -2.43
N PRO B 370 -16.38 -23.26 -2.46
CA PRO B 370 -16.39 -24.23 -3.58
C PRO B 370 -16.57 -23.62 -4.97
N GLU B 371 -17.31 -22.51 -5.09
CA GLU B 371 -17.49 -21.81 -6.36
C GLU B 371 -16.16 -21.35 -6.97
N ALA B 372 -15.07 -21.41 -6.18
CA ALA B 372 -13.79 -20.89 -6.65
C ALA B 372 -13.02 -21.93 -7.45
N ALA B 373 -13.58 -23.12 -7.57
CA ALA B 373 -12.95 -24.21 -8.32
C ALA B 373 -12.63 -23.75 -9.74
N GLU B 374 -13.58 -23.02 -10.35
CA GLU B 374 -13.45 -22.39 -11.66
C GLU B 374 -12.10 -21.69 -11.89
N PHE B 375 -11.53 -21.10 -10.83
CA PHE B 375 -10.28 -20.35 -10.91
C PHE B 375 -9.07 -21.07 -10.28
N GLU B 376 -9.27 -22.34 -9.89
CA GLU B 376 -8.24 -23.16 -9.25
C GLU B 376 -7.83 -22.59 -7.88
#